data_6NMJ
#
_entry.id   6NMJ
#
_cell.length_a   63.298
_cell.length_b   100.114
_cell.length_c   129.959
_cell.angle_alpha   90.00
_cell.angle_beta   90.00
_cell.angle_gamma   90.00
#
_symmetry.space_group_name_H-M   'P 21 21 21'
#
loop_
_entity.id
_entity.type
_entity.pdbx_description
1 polymer 'Resistance to inhibitors of cholinesterase 8 homolog A (C. elegans)'
2 water water
#
_entity_poly.entity_id   1
_entity_poly.type   'polypeptide(L)'
_entity_poly.pdbx_seq_one_letter_code
;GMEPRAVADALETGEEDAVTEALRSFNREHSQSFTFDDAQQEDRKRLAKLLVSVLEQGLSPKHRVTWLQTIRILSRDRSC
LDSFASRQSLHALACYADIAISEEPIPQPPDMDVLLESLKCLCNLVLSSPTAQMLAAEARLVVRLAERVGLYRKRSYPHE
VQFFDLRLLFLLTALRTDVRQQLFQELHGVRLLTDALELTLGVAPKENPLVILPAQETERAMEILKVLFNITFDSVKREV
DEEDAALYRYLGTLLRHCVMADAAGDRTEEFHGHTVNLLGNLPLKCLDVLLALELHEGSLEFMGVNMDVINALLAFLEKR
LHQTHRLKECVAPVLSVLTECARMHRPARKFLKAQVLPPLRDVRTRPEVGDLLRNKLVRLMTHLDTDVKRVAAEFLFVLC
SESVPRFIKYTGYGNAAGLLAARGLMAGGRPEGQYSEDEDTDTEEYREAKASI
;
_entity_poly.pdbx_strand_id   A,B
#
# COMPACT_ATOMS: atom_id res chain seq x y z
N GLY A 1 30.81 19.07 -6.37
CA GLY A 1 30.18 18.29 -7.43
C GLY A 1 29.39 19.15 -8.40
N MET A 2 28.99 18.55 -9.52
CA MET A 2 28.23 19.26 -10.54
C MET A 2 26.91 18.56 -10.80
N GLU A 3 25.94 19.35 -11.27
CA GLU A 3 24.54 19.01 -11.45
C GLU A 3 24.37 18.07 -12.65
N PRO A 4 23.35 17.18 -12.59
CA PRO A 4 23.09 16.27 -13.73
C PRO A 4 23.11 16.90 -15.11
N ARG A 5 22.46 18.06 -15.29
CA ARG A 5 22.46 18.69 -16.61
C ARG A 5 23.87 19.05 -17.08
N ALA A 6 24.75 19.39 -16.15
CA ALA A 6 26.15 19.67 -16.51
C ALA A 6 26.85 18.41 -16.98
N VAL A 7 26.59 17.27 -16.34
CA VAL A 7 27.22 16.01 -16.75
C VAL A 7 26.77 15.65 -18.17
N ALA A 8 25.47 15.74 -18.42
CA ALA A 8 24.95 15.42 -19.75
C ALA A 8 25.54 16.36 -20.80
N ASP A 9 25.68 17.64 -20.46
CA ASP A 9 26.32 18.57 -21.39
C ASP A 9 27.80 18.27 -21.57
N ALA A 10 28.46 17.77 -20.53
CA ALA A 10 29.86 17.38 -20.67
C ALA A 10 30.01 16.23 -21.68
N LEU A 11 29.12 15.25 -21.63
CA LEU A 11 29.17 14.15 -22.58
C LEU A 11 28.87 14.62 -24.01
N GLU A 12 28.03 15.64 -24.15
CA GLU A 12 27.69 16.14 -25.49
C GLU A 12 28.89 16.77 -26.17
N THR A 13 29.78 17.43 -25.42
CA THR A 13 30.98 18.00 -26.02
C THR A 13 31.95 16.90 -26.47
N GLY A 14 31.94 15.76 -25.79
CA GLY A 14 32.69 14.60 -26.23
C GLY A 14 34.16 14.58 -25.86
N GLU A 15 34.66 15.61 -25.19
CA GLU A 15 36.05 15.57 -24.74
C GLU A 15 36.19 14.59 -23.59
N GLU A 16 37.04 13.57 -23.77
CA GLU A 16 37.13 12.46 -22.81
C GLU A 16 37.46 12.96 -21.41
N ASP A 17 38.19 14.07 -21.28
CA ASP A 17 38.57 14.56 -19.97
C ASP A 17 37.41 15.26 -19.28
N ALA A 18 36.58 15.98 -20.03
CA ALA A 18 35.39 16.60 -19.43
C ALA A 18 34.38 15.55 -19.01
N VAL A 19 34.29 14.45 -19.76
CA VAL A 19 33.31 13.41 -19.44
C VAL A 19 33.62 12.76 -18.09
N THR A 20 34.80 12.14 -17.99
CA THR A 20 35.15 11.44 -16.76
C THR A 20 35.12 12.38 -15.57
N GLU A 21 35.73 13.56 -15.69
CA GLU A 21 35.75 14.51 -14.59
C GLU A 21 34.33 14.90 -14.18
N ALA A 22 33.41 15.02 -15.14
CA ALA A 22 32.01 15.29 -14.79
C ALA A 22 31.39 14.12 -14.05
N LEU A 23 31.66 12.89 -14.51
CA LEU A 23 31.12 11.72 -13.84
C LEU A 23 31.62 11.62 -12.40
N ARG A 24 32.94 11.70 -12.22
CA ARG A 24 33.51 11.57 -10.88
C ARG A 24 33.05 12.70 -9.98
N SER A 25 32.92 13.91 -10.52
CA SER A 25 32.39 15.03 -9.74
C SER A 25 30.95 14.75 -9.32
N PHE A 26 30.11 14.31 -10.27
CA PHE A 26 28.74 13.95 -9.95
C PHE A 26 28.69 12.82 -8.93
N ASN A 27 29.58 11.84 -9.06
CA ASN A 27 29.56 10.68 -8.17
C ASN A 27 29.88 11.08 -6.74
N ARG A 28 30.66 12.15 -6.54
CA ARG A 28 31.01 12.55 -5.18
C ARG A 28 29.88 13.33 -4.52
N GLU A 29 29.25 14.26 -5.23
CA GLU A 29 28.17 15.03 -4.60
C GLU A 29 26.93 14.18 -4.38
N HIS A 30 26.59 13.32 -5.33
CA HIS A 30 25.34 12.57 -5.27
C HIS A 30 25.47 11.19 -4.61
N SER A 31 26.66 10.84 -4.10
CA SER A 31 26.81 9.56 -3.43
C SER A 31 26.01 9.48 -2.13
N GLN A 32 25.63 10.62 -1.56
CA GLN A 32 24.79 10.66 -0.37
C GLN A 32 23.40 11.17 -0.72
N SER A 33 22.41 10.74 0.07
CA SER A 33 21.01 10.95 -0.28
C SER A 33 20.58 12.41 -0.19
N PHE A 34 21.26 13.24 0.61
CA PHE A 34 20.79 14.62 0.74
C PHE A 34 20.99 15.44 -0.52
N THR A 35 21.73 14.93 -1.51
CA THR A 35 21.95 15.68 -2.75
C THR A 35 20.77 15.55 -3.71
N PHE A 36 20.01 14.46 -3.64
CA PHE A 36 18.98 14.20 -4.62
C PHE A 36 17.90 15.28 -4.55
N ASP A 37 17.65 15.90 -5.70
CA ASP A 37 16.77 17.05 -5.82
C ASP A 37 15.65 16.72 -6.79
N ASP A 38 14.40 16.91 -6.34
CA ASP A 38 13.26 16.70 -7.23
C ASP A 38 13.36 17.56 -8.49
N ALA A 39 13.92 18.76 -8.36
CA ALA A 39 14.00 19.66 -9.50
C ALA A 39 14.88 19.12 -10.61
N GLN A 40 15.90 18.33 -10.26
CA GLN A 40 16.84 17.78 -11.23
C GLN A 40 16.41 16.41 -11.76
N GLN A 41 15.14 16.04 -11.59
CA GLN A 41 14.71 14.68 -11.93
C GLN A 41 14.82 14.42 -13.43
N GLU A 42 14.32 15.36 -14.25
CA GLU A 42 14.39 15.17 -15.70
C GLU A 42 15.83 15.14 -16.19
N ASP A 43 16.72 15.87 -15.52
CA ASP A 43 18.13 15.81 -15.87
C ASP A 43 18.72 14.45 -15.48
N ARG A 44 18.28 13.87 -14.36
CA ARG A 44 18.74 12.54 -13.98
C ARG A 44 18.22 11.50 -14.95
N LYS A 45 16.96 11.60 -15.36
CA LYS A 45 16.42 10.67 -16.36
C LYS A 45 17.12 10.84 -17.70
N ARG A 46 17.41 12.08 -18.10
CA ARG A 46 18.19 12.31 -19.31
C ARG A 46 19.57 11.67 -19.20
N LEU A 47 20.24 11.83 -18.06
CA LEU A 47 21.55 11.23 -17.87
C LEU A 47 21.45 9.70 -17.86
N ALA A 48 20.36 9.15 -17.30
CA ALA A 48 20.20 7.70 -17.25
C ALA A 48 20.08 7.11 -18.65
N LYS A 49 19.36 7.78 -19.54
CA LYS A 49 19.20 7.27 -20.90
C LYS A 49 20.52 7.30 -21.65
N LEU A 50 21.33 8.36 -21.45
CA LEU A 50 22.66 8.39 -22.04
C LEU A 50 23.51 7.22 -21.55
N LEU A 51 23.46 6.95 -20.24
CA LEU A 51 24.39 6.00 -19.64
C LEU A 51 24.01 4.55 -19.94
N VAL A 52 22.72 4.26 -20.10
CA VAL A 52 22.34 2.90 -20.46
C VAL A 52 22.79 2.59 -21.88
N SER A 53 22.83 3.61 -22.76
CA SER A 53 23.37 3.39 -24.09
C SER A 53 24.84 3.02 -24.02
N VAL A 54 25.60 3.69 -23.15
CA VAL A 54 27.02 3.38 -23.01
C VAL A 54 27.21 2.01 -22.36
N LEU A 55 26.45 1.73 -21.31
CA LEU A 55 26.62 0.46 -20.60
C LEU A 55 26.29 -0.73 -21.49
N GLU A 56 25.30 -0.58 -22.38
CA GLU A 56 24.87 -1.70 -23.20
C GLU A 56 25.83 -2.00 -24.34
N GLN A 57 26.60 -1.00 -24.80
CA GLN A 57 27.65 -1.30 -25.76
C GLN A 57 28.91 -1.85 -25.10
N GLY A 58 29.11 -1.56 -23.81
CA GLY A 58 30.28 -2.08 -23.11
C GLY A 58 31.10 -0.99 -22.44
N LEU A 59 31.64 -1.29 -21.27
CA LEU A 59 32.46 -0.32 -20.55
C LEU A 59 33.93 -0.69 -20.66
N SER A 60 34.73 0.29 -21.10
CA SER A 60 36.18 0.13 -21.13
C SER A 60 36.71 -0.19 -19.74
N PRO A 61 37.73 -1.04 -19.61
CA PRO A 61 38.20 -1.44 -18.27
C PRO A 61 38.61 -0.26 -17.40
N LYS A 62 39.28 0.74 -17.96
CA LYS A 62 39.51 1.99 -17.25
C LYS A 62 38.29 2.88 -17.41
N HIS A 63 37.92 3.56 -16.32
CA HIS A 63 36.68 4.31 -16.14
C HIS A 63 35.47 3.41 -15.97
N ARG A 64 35.63 2.09 -16.05
CA ARG A 64 34.50 1.18 -15.89
C ARG A 64 33.81 1.38 -14.55
N VAL A 65 34.61 1.42 -13.47
CA VAL A 65 34.04 1.63 -12.14
C VAL A 65 33.43 3.03 -12.02
N THR A 66 33.91 4.00 -12.80
CA THR A 66 33.30 5.33 -12.78
C THR A 66 31.91 5.33 -13.40
N TRP A 67 31.73 4.62 -14.52
CA TRP A 67 30.41 4.55 -15.15
C TRP A 67 29.42 3.82 -14.26
N LEU A 68 29.81 2.66 -13.73
CA LEU A 68 28.90 1.88 -12.88
C LEU A 68 28.49 2.66 -11.65
N GLN A 69 29.41 3.46 -11.09
CA GLN A 69 29.08 4.25 -9.91
C GLN A 69 28.06 5.31 -10.23
N THR A 70 28.11 5.90 -11.42
CA THR A 70 27.06 6.83 -11.82
C THR A 70 25.73 6.10 -11.99
N ILE A 71 25.76 4.94 -12.64
CA ILE A 71 24.54 4.14 -12.79
C ILE A 71 23.99 3.73 -11.42
N ARG A 72 24.89 3.33 -10.50
CA ARG A 72 24.46 2.95 -9.17
C ARG A 72 23.78 4.10 -8.44
N ILE A 73 24.32 5.32 -8.60
CA ILE A 73 23.70 6.48 -7.98
C ILE A 73 22.35 6.77 -8.62
N LEU A 74 22.29 6.75 -9.96
CA LEU A 74 21.05 7.02 -10.66
C LEU A 74 19.99 5.97 -10.34
N SER A 75 20.40 4.74 -10.04
CA SER A 75 19.45 3.65 -9.81
C SER A 75 18.68 3.80 -8.51
N ARG A 76 19.13 4.68 -7.60
CA ARG A 76 18.35 4.96 -6.39
C ARG A 76 17.05 5.71 -6.71
N ASP A 77 16.98 6.36 -7.87
CA ASP A 77 15.78 7.09 -8.28
C ASP A 77 14.86 6.13 -9.03
N ARG A 78 13.62 6.02 -8.55
CA ARG A 78 12.62 5.14 -9.14
C ARG A 78 12.45 5.40 -10.64
N SER A 79 12.24 6.66 -11.02
CA SER A 79 11.88 7.01 -12.39
C SER A 79 13.02 6.84 -13.38
N CYS A 80 14.25 6.63 -12.92
CA CYS A 80 15.37 6.42 -13.83
C CYS A 80 15.65 4.95 -14.10
N LEU A 81 15.16 4.06 -13.24
CA LEU A 81 15.66 2.68 -13.24
C LEU A 81 15.11 1.86 -14.39
N ASP A 82 13.91 2.18 -14.90
CA ASP A 82 13.38 1.42 -16.03
C ASP A 82 14.22 1.61 -17.29
N SER A 83 14.98 2.70 -17.38
CA SER A 83 15.90 2.87 -18.50
C SER A 83 16.91 1.73 -18.55
N PHE A 84 17.20 1.10 -17.41
CA PHE A 84 18.17 0.02 -17.33
C PHE A 84 17.55 -1.36 -17.30
N ALA A 85 16.23 -1.48 -17.30
CA ALA A 85 15.57 -2.78 -17.18
C ALA A 85 15.47 -3.42 -18.56
N SER A 86 16.61 -3.91 -19.04
CA SER A 86 16.68 -4.56 -20.34
C SER A 86 17.60 -5.77 -20.28
N ARG A 87 17.42 -6.67 -21.25
CA ARG A 87 18.28 -7.85 -21.33
C ARG A 87 19.74 -7.45 -21.45
N GLN A 88 20.05 -6.58 -22.41
CA GLN A 88 21.43 -6.16 -22.64
C GLN A 88 22.01 -5.43 -21.43
N SER A 89 21.17 -4.66 -20.73
CA SER A 89 21.67 -3.91 -19.59
C SER A 89 21.97 -4.83 -18.40
N LEU A 90 21.03 -5.72 -18.07
CA LEU A 90 21.27 -6.66 -16.98
C LEU A 90 22.41 -7.61 -17.32
N HIS A 91 22.49 -8.09 -18.57
CA HIS A 91 23.57 -8.97 -18.97
C HIS A 91 24.93 -8.27 -18.81
N ALA A 92 25.01 -7.00 -19.19
CA ALA A 92 26.26 -6.25 -19.01
C ALA A 92 26.64 -6.17 -17.54
N LEU A 93 25.65 -5.86 -16.68
CA LEU A 93 25.93 -5.79 -15.25
C LEU A 93 26.24 -7.16 -14.67
N ALA A 94 25.64 -8.22 -15.23
CA ALA A 94 25.92 -9.57 -14.77
C ALA A 94 27.36 -9.97 -15.06
N CYS A 95 27.89 -9.52 -16.20
CA CYS A 95 29.28 -9.82 -16.55
C CYS A 95 30.24 -9.12 -15.61
N TYR A 96 30.01 -7.83 -15.35
CA TYR A 96 30.89 -7.08 -14.45
C TYR A 96 30.73 -7.52 -13.00
N ALA A 97 29.64 -8.20 -12.67
CA ALA A 97 29.50 -8.90 -11.41
C ALA A 97 30.01 -10.33 -11.49
N ASP A 98 30.41 -10.78 -12.68
CA ASP A 98 30.91 -12.13 -12.93
C ASP A 98 29.90 -13.19 -12.48
N ILE A 99 28.62 -12.91 -12.62
CA ILE A 99 27.57 -13.90 -12.42
C ILE A 99 26.79 -14.20 -13.69
N ALA A 100 27.19 -13.62 -14.82
CA ALA A 100 26.59 -13.97 -16.09
C ALA A 100 26.86 -15.45 -16.39
N ILE A 101 25.81 -16.16 -16.82
CA ILE A 101 25.90 -17.61 -16.89
C ILE A 101 26.95 -18.07 -17.89
N SER A 102 27.14 -17.33 -18.98
CA SER A 102 28.15 -17.70 -19.97
C SER A 102 29.55 -17.35 -19.48
N PRO A 110 40.18 -10.38 -11.46
CA PRO A 110 39.05 -10.19 -10.55
C PRO A 110 39.03 -8.79 -9.91
N ASP A 111 38.47 -7.82 -10.62
CA ASP A 111 38.43 -6.44 -10.15
C ASP A 111 37.34 -6.30 -9.09
N MET A 112 37.74 -6.15 -7.83
CA MET A 112 36.80 -6.19 -6.72
C MET A 112 35.88 -4.98 -6.73
N ASP A 113 36.38 -3.81 -7.10
CA ASP A 113 35.56 -2.60 -7.03
C ASP A 113 34.55 -2.52 -8.16
N VAL A 114 34.87 -3.07 -9.34
CA VAL A 114 33.87 -3.21 -10.38
C VAL A 114 32.82 -4.23 -9.96
N LEU A 115 33.25 -5.32 -9.32
CA LEU A 115 32.32 -6.34 -8.85
C LEU A 115 31.28 -5.75 -7.89
N LEU A 116 31.74 -5.00 -6.90
CA LEU A 116 30.84 -4.45 -5.89
C LEU A 116 29.83 -3.48 -6.52
N GLU A 117 30.28 -2.66 -7.47
CA GLU A 117 29.39 -1.65 -8.04
C GLU A 117 28.30 -2.28 -8.88
N SER A 118 28.63 -3.36 -9.61
CA SER A 118 27.63 -4.03 -10.42
C SER A 118 26.59 -4.74 -9.54
N LEU A 119 27.07 -5.47 -8.52
CA LEU A 119 26.15 -6.08 -7.57
C LEU A 119 25.25 -5.04 -6.93
N LYS A 120 25.80 -3.89 -6.57
CA LYS A 120 24.98 -2.79 -6.04
C LYS A 120 23.95 -2.35 -7.07
N CYS A 121 24.36 -2.21 -8.34
CA CYS A 121 23.42 -1.84 -9.39
C CYS A 121 22.32 -2.88 -9.53
N LEU A 122 22.71 -4.16 -9.61
CA LEU A 122 21.74 -5.23 -9.78
C LEU A 122 20.76 -5.30 -8.61
N CYS A 123 21.23 -5.02 -7.40
CA CYS A 123 20.32 -5.01 -6.26
C CYS A 123 19.26 -3.92 -6.40
N ASN A 124 19.66 -2.74 -6.89
CA ASN A 124 18.70 -1.65 -7.07
C ASN A 124 17.73 -1.96 -8.21
N LEU A 125 18.22 -2.56 -9.29
CA LEU A 125 17.39 -2.84 -10.46
C LEU A 125 16.30 -3.84 -10.16
N VAL A 126 16.67 -5.00 -9.61
CA VAL A 126 15.66 -6.05 -9.42
C VAL A 126 14.69 -5.68 -8.31
N LEU A 127 15.11 -4.85 -7.36
CA LEU A 127 14.27 -4.54 -6.22
C LEU A 127 12.97 -3.87 -6.63
N SER A 128 13.00 -3.03 -7.66
CA SER A 128 11.89 -2.14 -7.95
C SER A 128 11.23 -2.36 -9.31
N SER A 129 11.72 -3.27 -10.14
CA SER A 129 11.22 -3.42 -11.50
C SER A 129 10.71 -4.83 -11.73
N PRO A 130 9.42 -5.04 -11.98
CA PRO A 130 8.95 -6.38 -12.37
C PRO A 130 9.63 -6.90 -13.63
N THR A 131 9.96 -6.01 -14.56
CA THR A 131 10.69 -6.42 -15.77
C THR A 131 12.08 -6.92 -15.41
N ALA A 132 12.80 -6.18 -14.56
CA ALA A 132 14.12 -6.62 -14.15
C ALA A 132 14.04 -7.92 -13.35
N GLN A 133 12.99 -8.08 -12.55
CA GLN A 133 12.79 -9.35 -11.85
C GLN A 133 12.59 -10.50 -12.83
N MET A 134 11.81 -10.27 -13.88
CA MET A 134 11.62 -11.28 -14.91
C MET A 134 12.93 -11.55 -15.64
N LEU A 135 13.70 -10.50 -15.95
CA LEU A 135 14.95 -10.68 -16.70
C LEU A 135 16.01 -11.34 -15.84
N ALA A 136 16.05 -11.02 -14.54
CA ALA A 136 17.04 -11.65 -13.66
C ALA A 136 16.82 -13.15 -13.56
N ALA A 137 15.56 -13.59 -13.51
CA ALA A 137 15.26 -15.01 -13.50
C ALA A 137 15.64 -15.67 -14.81
N GLU A 138 15.25 -15.05 -15.93
CA GLU A 138 15.56 -15.60 -17.24
C GLU A 138 17.06 -15.73 -17.47
N ALA A 139 17.83 -14.79 -16.93
CA ALA A 139 19.28 -14.80 -17.11
C ALA A 139 19.98 -15.84 -16.23
N ARG A 140 19.25 -16.48 -15.31
CA ARG A 140 19.79 -17.53 -14.46
C ARG A 140 20.96 -17.03 -13.60
N LEU A 141 20.88 -15.77 -13.17
CA LEU A 141 21.92 -15.21 -12.32
C LEU A 141 22.09 -15.99 -11.02
N VAL A 142 21.05 -16.73 -10.60
CA VAL A 142 21.12 -17.44 -9.32
C VAL A 142 22.16 -18.55 -9.37
N VAL A 143 22.44 -19.11 -10.54
CA VAL A 143 23.34 -20.25 -10.64
C VAL A 143 24.74 -19.87 -10.17
N ARG A 144 25.39 -18.95 -10.88
CA ARG A 144 26.75 -18.57 -10.51
C ARG A 144 26.80 -17.66 -9.28
N LEU A 145 25.68 -17.04 -8.92
CA LEU A 145 25.59 -16.38 -7.62
C LEU A 145 25.72 -17.41 -6.50
N ALA A 146 25.02 -18.54 -6.62
CA ALA A 146 25.11 -19.60 -5.63
C ALA A 146 26.48 -20.27 -5.66
N GLU A 147 27.01 -20.50 -6.87
CA GLU A 147 28.31 -21.16 -6.99
C GLU A 147 29.43 -20.32 -6.38
N ARG A 148 29.32 -19.00 -6.46
CA ARG A 148 30.30 -18.14 -5.81
C ARG A 148 30.19 -18.23 -4.28
N VAL A 149 28.96 -18.36 -3.78
CA VAL A 149 28.77 -18.49 -2.33
C VAL A 149 29.36 -19.79 -1.82
N GLY A 150 29.18 -20.88 -2.57
CA GLY A 150 29.75 -22.16 -2.15
C GLY A 150 31.26 -22.15 -2.09
N LEU A 151 31.90 -21.35 -2.95
CA LEU A 151 33.35 -21.28 -3.02
C LEU A 151 33.93 -20.21 -2.11
N TYR A 152 33.16 -19.73 -1.13
CA TYR A 152 33.63 -18.67 -0.25
C TYR A 152 34.80 -19.10 0.63
N ARG A 153 35.07 -20.40 0.74
CA ARG A 153 36.25 -20.88 1.46
C ARG A 153 37.46 -21.01 0.54
N LYS A 154 37.29 -21.76 -0.55
CA LYS A 154 38.38 -21.92 -1.51
C LYS A 154 38.82 -20.57 -2.08
N ARG A 155 37.86 -19.81 -2.61
CA ARG A 155 38.16 -18.47 -3.09
C ARG A 155 38.10 -17.47 -1.95
N SER A 156 38.30 -16.19 -2.27
CA SER A 156 38.32 -15.14 -1.25
C SER A 156 37.80 -13.84 -1.84
N TYR A 157 36.78 -13.27 -1.22
CA TYR A 157 36.17 -12.03 -1.66
C TYR A 157 35.96 -11.11 -0.48
N PRO A 158 36.04 -9.80 -0.69
CA PRO A 158 35.83 -8.85 0.42
C PRO A 158 34.43 -9.00 1.03
N HIS A 159 34.29 -8.48 2.25
CA HIS A 159 33.04 -8.66 2.99
C HIS A 159 31.87 -7.99 2.29
N GLU A 160 32.09 -6.82 1.69
CA GLU A 160 31.00 -6.08 1.05
C GLU A 160 30.55 -6.78 -0.23
N VAL A 161 31.48 -7.38 -0.97
CA VAL A 161 31.07 -8.21 -2.10
C VAL A 161 30.25 -9.39 -1.62
N GLN A 162 30.74 -10.08 -0.57
CA GLN A 162 30.02 -11.22 -0.01
C GLN A 162 28.63 -10.81 0.45
N PHE A 163 28.51 -9.62 1.05
CA PHE A 163 27.22 -9.16 1.55
C PHE A 163 26.23 -8.94 0.42
N PHE A 164 26.67 -8.26 -0.64
CA PHE A 164 25.76 -7.93 -1.72
C PHE A 164 25.46 -9.11 -2.64
N ASP A 165 26.34 -10.12 -2.67
CA ASP A 165 25.96 -11.39 -3.26
C ASP A 165 24.76 -11.99 -2.54
N LEU A 166 24.85 -12.05 -1.21
CA LEU A 166 23.76 -12.60 -0.42
C LEU A 166 22.52 -11.72 -0.50
N ARG A 167 22.70 -10.40 -0.43
CA ARG A 167 21.56 -9.49 -0.57
C ARG A 167 20.89 -9.67 -1.93
N LEU A 168 21.69 -9.74 -3.00
CA LEU A 168 21.12 -10.02 -4.32
C LEU A 168 20.42 -11.38 -4.33
N LEU A 169 21.05 -12.39 -3.74
CA LEU A 169 20.42 -13.70 -3.62
C LEU A 169 19.11 -13.61 -2.86
N PHE A 170 19.09 -12.83 -1.77
CA PHE A 170 17.86 -12.62 -1.01
C PHE A 170 16.78 -11.99 -1.88
N LEU A 171 17.12 -10.93 -2.60
CA LEU A 171 16.13 -10.24 -3.42
C LEU A 171 15.59 -11.15 -4.52
N LEU A 172 16.47 -11.91 -5.17
CA LEU A 172 16.02 -12.80 -6.24
C LEU A 172 15.06 -13.86 -5.70
N THR A 173 15.39 -14.48 -4.58
CA THR A 173 14.51 -15.50 -4.03
C THR A 173 13.24 -14.91 -3.45
N ALA A 174 13.28 -13.65 -3.01
CA ALA A 174 12.08 -13.03 -2.47
C ALA A 174 11.12 -12.60 -3.58
N LEU A 175 11.65 -12.10 -4.70
CA LEU A 175 10.83 -11.48 -5.73
C LEU A 175 10.37 -12.46 -6.81
N ARG A 176 10.97 -13.64 -6.92
CA ARG A 176 10.65 -14.57 -8.00
C ARG A 176 10.46 -15.97 -7.44
N THR A 177 9.26 -16.51 -7.62
CA THR A 177 8.99 -17.88 -7.19
C THR A 177 9.90 -18.87 -7.91
N ASP A 178 10.05 -18.72 -9.23
CA ASP A 178 10.83 -19.69 -10.00
C ASP A 178 12.30 -19.69 -9.59
N VAL A 179 12.87 -18.53 -9.24
CA VAL A 179 14.23 -18.49 -8.71
C VAL A 179 14.27 -19.17 -7.35
N ARG A 180 13.22 -18.97 -6.55
CA ARG A 180 13.14 -19.62 -5.24
C ARG A 180 13.15 -21.13 -5.37
N GLN A 181 12.34 -21.67 -6.30
CA GLN A 181 12.29 -23.12 -6.48
C GLN A 181 13.62 -23.65 -7.00
N GLN A 182 14.26 -22.92 -7.92
CA GLN A 182 15.53 -23.37 -8.49
C GLN A 182 16.59 -23.52 -7.42
N LEU A 183 16.71 -22.53 -6.52
CA LEU A 183 17.71 -22.61 -5.48
C LEU A 183 17.42 -23.76 -4.51
N PHE A 184 16.14 -23.97 -4.19
CA PHE A 184 15.79 -25.03 -3.24
C PHE A 184 15.92 -26.40 -3.88
N GLN A 185 15.32 -26.59 -5.06
CA GLN A 185 15.09 -27.92 -5.60
C GLN A 185 16.22 -28.41 -6.51
N GLU A 186 16.94 -27.52 -7.19
CA GLU A 186 17.94 -27.95 -8.15
C GLU A 186 19.36 -27.47 -7.86
N LEU A 187 19.55 -26.46 -7.02
CA LEU A 187 20.88 -25.92 -6.74
C LEU A 187 21.37 -26.26 -5.34
N HIS A 188 20.71 -27.18 -4.64
CA HIS A 188 21.10 -27.59 -3.29
C HIS A 188 21.25 -26.38 -2.38
N GLY A 189 20.24 -25.50 -2.40
CA GLY A 189 20.36 -24.23 -1.72
C GLY A 189 20.45 -24.35 -0.21
N VAL A 190 19.65 -25.25 0.38
CA VAL A 190 19.70 -25.43 1.83
C VAL A 190 21.08 -25.90 2.27
N ARG A 191 21.59 -26.93 1.61
CA ARG A 191 22.92 -27.44 1.94
C ARG A 191 23.99 -26.38 1.69
N LEU A 192 23.90 -25.69 0.55
CA LEU A 192 24.89 -24.67 0.22
C LEU A 192 24.90 -23.56 1.27
N LEU A 193 23.73 -23.07 1.66
CA LEU A 193 23.67 -21.95 2.59
C LEU A 193 23.87 -22.40 4.04
N THR A 194 23.51 -23.64 4.37
CA THR A 194 23.91 -24.19 5.66
C THR A 194 25.42 -24.22 5.79
N ASP A 195 26.10 -24.59 4.70
CA ASP A 195 27.57 -24.55 4.68
C ASP A 195 28.09 -23.13 4.81
N ALA A 196 27.48 -22.18 4.08
CA ALA A 196 27.90 -20.79 4.19
C ALA A 196 27.66 -20.23 5.58
N LEU A 197 26.59 -20.67 6.24
CA LEU A 197 26.30 -20.20 7.59
C LEU A 197 27.35 -20.70 8.58
N GLU A 198 27.75 -21.97 8.49
CA GLU A 198 28.75 -22.50 9.41
C GLU A 198 30.08 -21.78 9.24
N LEU A 199 30.52 -21.58 8.00
CA LEU A 199 31.73 -20.80 7.74
C LEU A 199 31.64 -19.42 8.38
N THR A 200 30.48 -18.76 8.25
CA THR A 200 30.32 -17.42 8.80
C THR A 200 30.28 -17.44 10.32
N LEU A 201 29.64 -18.45 10.91
CA LEU A 201 29.57 -18.55 12.36
C LEU A 201 30.90 -18.96 12.97
N GLY A 202 31.74 -19.66 12.23
CA GLY A 202 33.02 -20.10 12.75
C GLY A 202 32.94 -21.18 13.80
N VAL A 203 31.81 -21.89 13.91
CA VAL A 203 31.64 -22.97 14.86
C VAL A 203 30.98 -24.15 14.16
N ALA A 204 31.40 -25.36 14.54
CA ALA A 204 30.79 -26.58 14.07
C ALA A 204 29.57 -26.92 14.94
N PRO A 205 28.66 -27.76 14.43
CA PRO A 205 27.46 -28.09 15.22
C PRO A 205 27.76 -28.63 16.61
N LYS A 206 28.79 -29.45 16.76
CA LYS A 206 29.07 -30.16 18.00
C LYS A 206 30.10 -29.46 18.88
N GLU A 207 30.58 -28.28 18.47
CA GLU A 207 31.61 -27.58 19.23
C GLU A 207 30.98 -26.79 20.38
N ASN A 208 31.83 -26.01 21.04
CA ASN A 208 31.38 -25.07 22.06
C ASN A 208 30.22 -24.22 21.53
N PRO A 209 29.24 -23.89 22.35
CA PRO A 209 28.22 -22.93 21.93
C PRO A 209 28.85 -21.58 21.64
N LEU A 210 28.59 -21.06 20.45
CA LEU A 210 29.08 -19.73 20.08
C LEU A 210 28.59 -18.70 21.08
N VAL A 211 29.49 -17.82 21.51
CA VAL A 211 29.18 -16.81 22.52
C VAL A 211 28.88 -15.46 21.89
N ILE A 212 29.77 -14.98 21.01
CA ILE A 212 29.65 -13.65 20.45
C ILE A 212 30.10 -13.70 18.99
N LEU A 213 29.32 -13.07 18.11
CA LEU A 213 29.62 -13.01 16.69
C LEU A 213 30.03 -11.60 16.30
N PRO A 214 31.09 -11.44 15.50
CA PRO A 214 31.52 -10.10 15.08
C PRO A 214 30.43 -9.40 14.26
N ALA A 215 30.63 -8.08 14.09
CA ALA A 215 29.62 -7.27 13.42
C ALA A 215 29.45 -7.67 11.96
N GLN A 216 30.56 -7.89 11.26
CA GLN A 216 30.48 -8.22 9.83
C GLN A 216 29.89 -9.61 9.62
N GLU A 217 30.35 -10.59 10.40
CA GLU A 217 29.78 -11.94 10.31
C GLU A 217 28.29 -11.93 10.60
N THR A 218 27.87 -11.10 11.57
CA THR A 218 26.44 -10.98 11.86
C THR A 218 25.67 -10.47 10.66
N GLU A 219 26.23 -9.49 9.95
CA GLU A 219 25.56 -8.97 8.76
C GLU A 219 25.41 -10.04 7.70
N ARG A 220 26.49 -10.79 7.43
CA ARG A 220 26.42 -11.85 6.43
C ARG A 220 25.53 -13.00 6.90
N ALA A 221 25.62 -13.38 8.17
CA ALA A 221 24.82 -14.49 8.68
C ALA A 221 23.34 -14.18 8.61
N MET A 222 22.96 -12.94 8.96
CA MET A 222 21.56 -12.56 8.88
C MET A 222 21.04 -12.65 7.45
N GLU A 223 21.86 -12.24 6.48
CA GLU A 223 21.46 -12.39 5.07
C GLU A 223 21.31 -13.86 4.69
N ILE A 224 22.24 -14.70 5.16
CA ILE A 224 22.15 -16.13 4.89
C ILE A 224 20.86 -16.70 5.48
N LEU A 225 20.53 -16.28 6.71
CA LEU A 225 19.30 -16.75 7.34
C LEU A 225 18.07 -16.29 6.58
N LYS A 226 18.11 -15.09 6.00
CA LYS A 226 16.96 -14.60 5.25
C LYS A 226 16.79 -15.36 3.93
N VAL A 227 17.89 -15.67 3.25
CA VAL A 227 17.79 -16.51 2.06
C VAL A 227 17.28 -17.90 2.43
N LEU A 228 17.79 -18.47 3.52
CA LEU A 228 17.30 -19.77 3.97
C LEU A 228 15.82 -19.70 4.31
N PHE A 229 15.37 -18.59 4.90
CA PHE A 229 13.94 -18.42 5.14
C PHE A 229 13.17 -18.41 3.83
N ASN A 230 13.68 -17.72 2.81
CA ASN A 230 12.99 -17.62 1.53
C ASN A 230 12.74 -19.00 0.93
N ILE A 231 13.76 -19.85 0.89
CA ILE A 231 13.64 -21.10 0.14
C ILE A 231 13.04 -22.21 0.99
N THR A 232 12.64 -21.91 2.23
CA THR A 232 12.02 -22.92 3.09
C THR A 232 10.64 -22.57 3.61
N PHE A 233 10.21 -21.31 3.61
CA PHE A 233 8.88 -21.00 4.10
C PHE A 233 7.79 -21.61 3.23
N ASP A 234 8.13 -21.96 1.99
CA ASP A 234 7.20 -22.41 0.97
C ASP A 234 7.31 -23.90 0.68
N SER A 235 8.53 -24.44 0.69
CA SER A 235 8.85 -25.69 0.02
C SER A 235 9.06 -26.87 0.94
N VAL A 236 9.03 -26.68 2.26
CA VAL A 236 9.33 -27.75 3.20
C VAL A 236 8.00 -28.37 3.61
N LYS A 237 7.65 -29.48 2.97
CA LYS A 237 6.57 -30.32 3.48
C LYS A 237 6.94 -30.80 4.87
N ARG A 238 5.94 -30.84 5.77
CA ARG A 238 6.23 -31.11 7.17
C ARG A 238 6.61 -32.57 7.41
N GLU A 239 6.33 -33.47 6.48
CA GLU A 239 6.84 -34.84 6.54
C GLU A 239 8.05 -34.95 5.62
N VAL A 240 9.13 -35.53 6.13
CA VAL A 240 10.45 -35.36 5.55
C VAL A 240 11.24 -36.65 5.72
N ASP A 241 12.00 -37.02 4.69
CA ASP A 241 12.71 -38.30 4.67
C ASP A 241 13.95 -38.22 5.58
N GLU A 242 14.78 -39.27 5.55
CA GLU A 242 15.92 -39.34 6.48
C GLU A 242 17.07 -38.46 6.04
N GLU A 243 17.23 -38.23 4.73
CA GLU A 243 18.28 -37.34 4.26
C GLU A 243 17.92 -35.89 4.54
N ASP A 244 16.67 -35.49 4.26
CA ASP A 244 16.27 -34.12 4.53
C ASP A 244 16.14 -33.85 6.03
N ALA A 245 15.93 -34.88 6.85
CA ALA A 245 15.91 -34.66 8.29
C ALA A 245 17.29 -34.30 8.84
N ALA A 246 18.36 -34.88 8.29
CA ALA A 246 19.70 -34.69 8.85
C ALA A 246 20.27 -33.31 8.53
N LEU A 247 20.13 -32.86 7.28
CA LEU A 247 20.47 -31.49 6.92
C LEU A 247 19.71 -30.48 7.78
N TYR A 248 18.39 -30.64 7.89
CA TYR A 248 17.60 -29.72 8.70
C TYR A 248 17.99 -29.82 10.18
N ARG A 249 18.36 -31.02 10.64
CA ARG A 249 18.92 -31.14 11.98
C ARG A 249 20.32 -30.54 12.04
N TYR A 250 21.14 -30.77 11.00
CA TYR A 250 22.42 -30.09 10.90
C TYR A 250 22.25 -28.58 10.94
N LEU A 251 21.31 -28.06 10.16
CA LEU A 251 21.06 -26.61 10.16
C LEU A 251 20.52 -26.15 11.50
N GLY A 252 19.62 -26.93 12.11
CA GLY A 252 19.08 -26.56 13.41
C GLY A 252 20.13 -26.45 14.49
N THR A 253 21.20 -27.25 14.39
CA THR A 253 22.27 -27.14 15.38
C THR A 253 23.04 -25.85 15.21
N LEU A 254 23.21 -25.38 13.98
CA LEU A 254 23.82 -24.06 13.76
C LEU A 254 22.91 -22.96 14.31
N LEU A 255 21.59 -23.08 14.10
CA LEU A 255 20.66 -22.12 14.65
C LEU A 255 20.66 -22.17 16.18
N ARG A 256 20.97 -23.33 16.76
CA ARG A 256 21.12 -23.41 18.21
C ARG A 256 22.28 -22.55 18.70
N HIS A 257 23.38 -22.53 17.94
CA HIS A 257 24.47 -21.61 18.26
C HIS A 257 24.01 -20.16 18.22
N CYS A 258 23.28 -19.79 17.16
CA CYS A 258 22.81 -18.42 17.02
C CYS A 258 21.94 -18.00 18.20
N VAL A 259 21.07 -18.90 18.66
CA VAL A 259 20.19 -18.58 19.79
C VAL A 259 21.02 -18.31 21.03
N MET A 260 22.05 -19.13 21.27
CA MET A 260 22.87 -18.98 22.47
C MET A 260 23.76 -17.75 22.44
N ALA A 261 24.10 -17.24 21.25
CA ALA A 261 25.10 -16.20 21.09
C ALA A 261 24.47 -14.82 20.97
N ASP A 262 25.28 -13.81 21.28
CA ASP A 262 24.94 -12.42 20.99
C ASP A 262 25.68 -11.97 19.74
N ALA A 263 25.18 -10.88 19.16
CA ALA A 263 25.79 -10.26 17.99
C ALA A 263 26.46 -8.95 18.40
N ALA A 264 27.62 -8.69 17.81
CA ALA A 264 28.35 -7.46 18.09
C ALA A 264 27.47 -6.24 17.89
N GLY A 265 27.72 -5.20 18.68
CA GLY A 265 26.82 -4.08 18.67
C GLY A 265 25.49 -4.45 19.31
N ASP A 266 24.43 -3.79 18.85
CA ASP A 266 23.07 -4.06 19.32
C ASP A 266 22.25 -4.82 18.28
N ARG A 267 22.88 -5.68 17.50
CA ARG A 267 22.20 -6.45 16.47
C ARG A 267 21.74 -7.82 16.97
N THR A 268 21.85 -8.10 18.27
CA THR A 268 21.55 -9.44 18.78
C THR A 268 20.09 -9.82 18.55
N GLU A 269 19.16 -8.94 18.93
CA GLU A 269 17.74 -9.29 18.82
C GLU A 269 17.31 -9.42 17.37
N GLU A 270 17.85 -8.58 16.48
CA GLU A 270 17.59 -8.75 15.05
C GLU A 270 18.20 -10.05 14.56
N PHE A 271 19.39 -10.39 15.05
CA PHE A 271 20.03 -11.66 14.69
C PHE A 271 19.22 -12.85 15.20
N HIS A 272 18.70 -12.75 16.43
CA HIS A 272 17.84 -13.81 16.95
C HIS A 272 16.50 -13.84 16.26
N GLY A 273 16.05 -12.70 15.72
CA GLY A 273 14.78 -12.68 15.00
C GLY A 273 14.83 -13.50 13.73
N HIS A 274 15.91 -13.38 12.96
CA HIS A 274 16.04 -14.17 11.74
C HIS A 274 16.36 -15.63 12.05
N THR A 275 17.05 -15.89 13.16
CA THR A 275 17.34 -17.27 13.54
C THR A 275 16.05 -18.01 13.90
N VAL A 276 15.21 -17.40 14.72
CA VAL A 276 13.98 -18.04 15.16
C VAL A 276 13.00 -18.17 13.99
N ASN A 277 12.91 -17.13 13.15
CA ASN A 277 12.08 -17.21 11.95
C ASN A 277 12.40 -18.46 11.14
N LEU A 278 13.70 -18.75 10.97
CA LEU A 278 14.09 -19.93 10.21
C LEU A 278 13.79 -21.21 10.98
N LEU A 279 14.02 -21.19 12.30
CA LEU A 279 13.68 -22.35 13.14
C LEU A 279 12.22 -22.74 12.96
N GLY A 280 11.33 -21.76 12.80
CA GLY A 280 9.93 -22.05 12.59
C GLY A 280 9.62 -22.63 11.23
N ASN A 281 10.58 -22.69 10.32
CA ASN A 281 10.39 -23.32 9.02
C ASN A 281 10.80 -24.78 9.00
N LEU A 282 11.63 -25.22 9.95
CA LEU A 282 12.13 -26.58 9.95
C LEU A 282 10.99 -27.58 10.19
N PRO A 283 11.17 -28.83 9.77
CA PRO A 283 10.23 -29.87 10.18
C PRO A 283 10.20 -29.97 11.69
N LEU A 284 9.00 -30.18 12.24
CA LEU A 284 8.83 -30.13 13.69
C LEU A 284 9.72 -31.15 14.40
N LYS A 285 9.95 -32.32 13.79
CA LYS A 285 10.77 -33.33 14.43
C LYS A 285 12.22 -32.88 14.61
N CYS A 286 12.71 -32.03 13.71
CA CYS A 286 14.11 -31.60 13.78
C CYS A 286 14.37 -30.60 14.90
N LEU A 287 13.33 -30.10 15.57
CA LEU A 287 13.51 -29.16 16.67
C LEU A 287 14.09 -29.81 17.92
N ASP A 288 14.17 -31.15 17.96
CA ASP A 288 14.73 -31.81 19.14
C ASP A 288 16.19 -31.47 19.35
N VAL A 289 16.89 -30.94 18.35
CA VAL A 289 18.27 -30.52 18.53
C VAL A 289 18.38 -29.39 19.54
N LEU A 290 17.29 -28.64 19.75
CA LEU A 290 17.28 -27.57 20.73
C LEU A 290 17.36 -28.08 22.16
N LEU A 291 17.14 -29.38 22.38
CA LEU A 291 17.31 -30.00 23.69
C LEU A 291 18.49 -30.95 23.74
N ALA A 292 19.33 -30.96 22.69
CA ALA A 292 20.41 -31.92 22.56
C ALA A 292 21.76 -31.37 23.04
N LEU A 293 21.76 -30.38 23.92
CA LEU A 293 22.99 -29.84 24.46
C LEU A 293 23.50 -30.72 25.61
N GLU A 294 24.81 -30.83 25.71
CA GLU A 294 25.44 -31.34 26.92
C GLU A 294 25.47 -30.24 27.98
N LEU A 295 26.08 -30.52 29.12
CA LEU A 295 26.37 -29.47 30.09
C LEU A 295 27.76 -28.91 29.79
N HIS A 296 27.81 -27.64 29.40
CA HIS A 296 29.06 -26.99 29.05
C HIS A 296 29.49 -26.03 30.15
N SER A 299 24.48 -25.69 31.08
CA SER A 299 24.75 -25.32 32.45
C SER A 299 23.47 -25.11 33.26
N LEU A 300 22.33 -25.05 32.57
CA LEU A 300 21.02 -24.99 33.22
C LEU A 300 20.41 -26.38 33.11
N GLU A 301 20.51 -27.14 34.19
CA GLU A 301 19.99 -28.51 34.23
C GLU A 301 18.57 -28.53 34.76
N PHE A 302 17.71 -29.29 34.09
CA PHE A 302 16.33 -29.46 34.56
C PHE A 302 15.86 -30.85 34.16
N MET A 303 15.60 -31.69 35.17
CA MET A 303 15.28 -33.11 34.97
C MET A 303 16.26 -33.77 33.99
N GLY A 304 17.55 -33.53 34.19
CA GLY A 304 18.59 -34.16 33.41
C GLY A 304 18.83 -33.55 32.03
N VAL A 305 18.10 -32.50 31.65
CA VAL A 305 18.17 -31.95 30.31
C VAL A 305 18.69 -30.52 30.39
N ASN A 306 19.55 -30.17 29.44
CA ASN A 306 20.12 -28.83 29.34
C ASN A 306 19.07 -27.88 28.77
N MET A 307 18.59 -26.95 29.59
CA MET A 307 17.51 -26.03 29.21
C MET A 307 18.02 -24.66 28.78
N ASP A 308 19.32 -24.51 28.54
CA ASP A 308 19.87 -23.20 28.22
C ASP A 308 19.29 -22.66 26.91
N VAL A 309 19.11 -23.54 25.92
CA VAL A 309 18.51 -23.10 24.65
C VAL A 309 17.05 -22.69 24.87
N ILE A 310 16.30 -23.50 25.61
CA ILE A 310 14.90 -23.18 25.90
C ILE A 310 14.80 -21.93 26.74
N ASN A 311 15.76 -21.71 27.64
CA ASN A 311 15.76 -20.47 28.42
C ASN A 311 16.12 -19.27 27.54
N ALA A 312 17.00 -19.46 26.55
CA ALA A 312 17.38 -18.36 25.68
C ALA A 312 16.22 -17.94 24.78
N LEU A 313 15.47 -18.91 24.24
CA LEU A 313 14.27 -18.57 23.48
C LEU A 313 13.23 -17.89 24.34
N LEU A 314 13.20 -18.24 25.64
CA LEU A 314 12.29 -17.57 26.57
C LEU A 314 12.67 -16.11 26.76
N ALA A 315 13.97 -15.84 26.93
CA ALA A 315 14.43 -14.46 27.10
C ALA A 315 14.13 -13.64 25.85
N PHE A 316 14.37 -14.20 24.66
CA PHE A 316 14.04 -13.49 23.43
C PHE A 316 12.56 -13.17 23.37
N LEU A 317 11.71 -14.10 23.82
CA LEU A 317 10.28 -13.87 23.83
C LEU A 317 9.92 -12.69 24.74
N GLU A 318 10.54 -12.61 25.92
CA GLU A 318 10.28 -11.49 26.81
C GLU A 318 10.76 -10.17 26.21
N LYS A 319 11.95 -10.19 25.60
CA LYS A 319 12.51 -8.97 25.02
C LYS A 319 11.58 -8.38 23.96
N ARG A 320 11.08 -9.23 23.06
CA ARG A 320 10.27 -8.75 21.96
C ARG A 320 8.85 -8.38 22.39
N LEU A 321 8.34 -8.97 23.46
CA LEU A 321 7.04 -8.55 23.98
C LEU A 321 7.13 -7.16 24.61
N HIS A 322 8.28 -6.83 25.21
CA HIS A 322 8.50 -5.45 25.64
C HIS A 322 8.42 -4.48 24.47
N GLN A 323 9.04 -4.85 23.34
CA GLN A 323 9.46 -3.90 22.33
C GLN A 323 8.55 -3.81 21.12
N THR A 324 7.32 -4.34 21.20
CA THR A 324 6.40 -4.31 20.06
C THR A 324 5.05 -3.80 20.52
N HIS A 325 4.59 -2.73 19.88
CA HIS A 325 3.26 -2.18 20.13
C HIS A 325 2.21 -3.00 19.43
N ARG A 326 2.05 -2.79 18.12
CA ARG A 326 1.08 -3.52 17.32
C ARG A 326 1.68 -4.72 16.61
N LEU A 327 3.00 -4.86 16.60
CA LEU A 327 3.66 -5.94 15.87
C LEU A 327 4.01 -7.10 16.81
N LYS A 328 2.97 -7.60 17.48
CA LYS A 328 3.14 -8.80 18.29
C LYS A 328 3.35 -10.04 17.44
N GLU A 329 3.03 -9.96 16.14
CA GLU A 329 3.29 -11.06 15.22
C GLU A 329 4.77 -11.45 15.20
N CYS A 330 5.67 -10.56 15.62
CA CYS A 330 7.09 -10.86 15.61
C CYS A 330 7.46 -12.02 16.54
N VAL A 331 6.57 -12.37 17.49
CA VAL A 331 6.88 -13.43 18.45
C VAL A 331 6.16 -14.74 18.13
N ALA A 332 5.36 -14.78 17.07
CA ALA A 332 4.71 -16.03 16.69
C ALA A 332 5.70 -17.14 16.34
N PRO A 333 6.83 -16.87 15.65
CA PRO A 333 7.78 -17.96 15.41
C PRO A 333 8.37 -18.56 16.68
N VAL A 334 8.76 -17.74 17.65
CA VAL A 334 9.37 -18.30 18.86
C VAL A 334 8.34 -19.05 19.69
N LEU A 335 7.08 -18.62 19.66
CA LEU A 335 6.04 -19.31 20.41
C LEU A 335 5.76 -20.69 19.84
N SER A 336 5.78 -20.81 18.51
CA SER A 336 5.51 -22.12 17.90
C SER A 336 6.69 -23.07 18.08
N VAL A 337 7.92 -22.55 18.01
CA VAL A 337 9.09 -23.38 18.29
C VAL A 337 9.03 -23.90 19.72
N LEU A 338 8.71 -23.02 20.68
CA LEU A 338 8.63 -23.43 22.08
C LEU A 338 7.48 -24.38 22.32
N THR A 339 6.36 -24.17 21.61
CA THR A 339 5.21 -25.05 21.76
C THR A 339 5.56 -26.48 21.38
N GLU A 340 6.19 -26.66 20.22
CA GLU A 340 6.52 -28.00 19.76
C GLU A 340 7.60 -28.64 20.61
N CYS A 341 8.53 -27.85 21.15
CA CYS A 341 9.47 -28.38 22.14
C CYS A 341 8.73 -28.85 23.38
N ALA A 342 7.76 -28.07 23.86
CA ALA A 342 6.98 -28.48 25.01
C ALA A 342 6.10 -29.69 24.69
N ARG A 343 5.57 -29.74 23.47
CA ARG A 343 4.68 -30.83 23.08
C ARG A 343 5.43 -32.14 22.93
N MET A 344 6.67 -32.08 22.44
CA MET A 344 7.44 -33.27 22.10
C MET A 344 8.28 -33.81 23.25
N HIS A 345 8.57 -32.99 24.26
CA HIS A 345 9.53 -33.35 25.30
C HIS A 345 8.98 -32.93 26.65
N ARG A 346 8.63 -33.93 27.48
CA ARG A 346 8.09 -33.66 28.80
C ARG A 346 8.96 -32.76 29.68
N PRO A 347 10.29 -32.95 29.76
CA PRO A 347 11.08 -32.03 30.59
C PRO A 347 11.03 -30.58 30.11
N ALA A 348 10.97 -30.36 28.79
CA ALA A 348 10.83 -29.00 28.29
C ALA A 348 9.47 -28.41 28.66
N ARG A 349 8.43 -29.24 28.70
CA ARG A 349 7.10 -28.76 29.07
C ARG A 349 7.06 -28.32 30.54
N LYS A 350 7.59 -29.16 31.42
CA LYS A 350 7.56 -28.83 32.85
C LYS A 350 8.42 -27.63 33.17
N PHE A 351 9.55 -27.47 32.47
CA PHE A 351 10.39 -26.30 32.68
C PHE A 351 9.67 -25.03 32.24
N LEU A 352 9.10 -25.04 31.04
CA LEU A 352 8.41 -23.85 30.54
C LEU A 352 7.22 -23.49 31.42
N LYS A 353 6.49 -24.49 31.91
CA LYS A 353 5.36 -24.22 32.80
C LYS A 353 5.84 -23.64 34.13
N ALA A 354 6.94 -24.20 34.67
CA ALA A 354 7.52 -23.64 35.88
C ALA A 354 8.04 -22.23 35.67
N GLN A 355 8.56 -21.93 34.47
CA GLN A 355 9.10 -20.60 34.21
C GLN A 355 8.00 -19.58 33.92
N VAL A 356 6.92 -20.00 33.28
CA VAL A 356 5.89 -19.09 32.80
C VAL A 356 4.65 -19.10 33.71
N LEU A 357 4.25 -20.28 34.20
CA LEU A 357 2.99 -20.46 34.91
C LEU A 357 3.24 -21.03 36.31
N PRO A 358 3.55 -20.18 37.29
CA PRO A 358 3.50 -20.61 38.70
C PRO A 358 2.12 -21.13 39.06
N PRO A 359 1.99 -21.89 40.17
CA PRO A 359 0.71 -22.50 40.56
C PRO A 359 -0.40 -21.49 40.81
N THR A 365 -6.81 -14.73 38.74
CA THR A 365 -8.15 -14.15 38.90
C THR A 365 -8.52 -13.33 37.65
N ARG A 366 -7.53 -12.65 37.10
CA ARG A 366 -7.68 -11.92 35.84
C ARG A 366 -6.36 -12.02 35.10
N PRO A 367 -6.09 -13.16 34.46
CA PRO A 367 -4.74 -13.42 33.93
C PRO A 367 -4.29 -12.42 32.88
N GLU A 368 -5.21 -11.67 32.27
CA GLU A 368 -4.86 -10.66 31.28
C GLU A 368 -4.31 -9.38 31.91
N VAL A 369 -4.19 -9.31 33.23
CA VAL A 369 -3.78 -8.10 33.94
C VAL A 369 -2.42 -8.32 34.59
N GLY A 370 -1.55 -7.33 34.44
CA GLY A 370 -0.17 -7.42 34.91
C GLY A 370 0.81 -7.27 33.78
N ASP A 371 2.09 -7.23 34.15
CA ASP A 371 3.18 -7.21 33.17
C ASP A 371 4.22 -8.28 33.47
N LEU A 372 3.84 -9.35 34.16
CA LEU A 372 4.61 -10.57 34.12
C LEU A 372 4.48 -11.22 32.74
N LEU A 373 5.32 -12.22 32.48
CA LEU A 373 5.32 -12.84 31.15
C LEU A 373 3.98 -13.52 30.86
N ARG A 374 3.36 -14.13 31.87
CA ARG A 374 2.10 -14.82 31.63
C ARG A 374 0.97 -13.85 31.35
N ASN A 375 0.99 -12.67 31.98
CA ASN A 375 -0.05 -11.68 31.70
C ASN A 375 0.07 -11.16 30.28
N LYS A 376 1.29 -11.02 29.77
CA LYS A 376 1.48 -10.52 28.41
C LYS A 376 1.09 -11.55 27.38
N LEU A 377 1.42 -12.83 27.62
CA LEU A 377 1.03 -13.88 26.69
C LEU A 377 -0.49 -14.04 26.63
N VAL A 378 -1.16 -13.97 27.78
CA VAL A 378 -2.62 -14.09 27.80
C VAL A 378 -3.26 -12.98 26.99
N ARG A 379 -2.70 -11.77 27.07
CA ARG A 379 -3.23 -10.67 26.26
C ARG A 379 -3.08 -10.94 24.78
N LEU A 380 -2.03 -11.65 24.37
CA LEU A 380 -1.87 -12.01 22.97
C LEU A 380 -2.97 -12.92 22.48
N MET A 381 -3.54 -13.74 23.36
CA MET A 381 -4.59 -14.67 22.98
C MET A 381 -5.82 -13.99 22.39
N THR A 382 -5.96 -12.68 22.57
CA THR A 382 -7.04 -11.90 21.96
C THR A 382 -6.51 -10.86 20.98
N HIS A 383 -5.30 -11.07 20.45
CA HIS A 383 -4.70 -10.10 19.55
C HIS A 383 -5.45 -10.06 18.21
N LEU A 384 -5.26 -8.96 17.48
CA LEU A 384 -5.96 -8.78 16.22
C LEU A 384 -5.43 -9.74 15.16
N ASP A 385 -4.11 -9.95 15.11
CA ASP A 385 -3.53 -10.90 14.18
C ASP A 385 -3.94 -12.30 14.59
N THR A 386 -4.71 -12.98 13.73
CA THR A 386 -5.18 -14.32 14.05
C THR A 386 -4.04 -15.29 14.28
N ASP A 387 -2.92 -15.11 13.58
CA ASP A 387 -1.79 -16.01 13.72
C ASP A 387 -1.27 -16.04 15.15
N VAL A 388 -1.05 -14.86 15.74
CA VAL A 388 -0.39 -14.83 17.04
C VAL A 388 -1.36 -15.14 18.18
N LYS A 389 -2.67 -14.89 18.00
CA LYS A 389 -3.61 -15.21 19.06
C LYS A 389 -3.82 -16.71 19.19
N ARG A 390 -3.64 -17.45 18.09
CA ARG A 390 -3.82 -18.90 18.15
C ARG A 390 -2.56 -19.61 18.64
N VAL A 391 -1.38 -19.10 18.32
CA VAL A 391 -0.16 -19.77 18.75
C VAL A 391 0.12 -19.51 20.22
N ALA A 392 -0.13 -18.28 20.69
CA ALA A 392 -0.03 -18.02 22.12
C ALA A 392 -1.04 -18.85 22.91
N ALA A 393 -2.22 -19.07 22.34
CA ALA A 393 -3.21 -19.93 23.00
C ALA A 393 -2.73 -21.37 23.05
N GLU A 394 -2.20 -21.89 21.93
CA GLU A 394 -1.73 -23.28 21.93
C GLU A 394 -0.50 -23.46 22.80
N PHE A 395 0.36 -22.44 22.90
CA PHE A 395 1.53 -22.54 23.76
C PHE A 395 1.13 -22.77 25.21
N LEU A 396 0.24 -21.93 25.74
CA LEU A 396 -0.20 -22.08 27.11
C LEU A 396 -1.06 -23.34 27.28
N PHE A 397 -1.81 -23.72 26.25
CA PHE A 397 -2.59 -24.95 26.31
C PHE A 397 -1.69 -26.17 26.44
N VAL A 398 -0.56 -26.17 25.73
CA VAL A 398 0.39 -27.28 25.82
C VAL A 398 1.06 -27.29 27.19
N LEU A 399 1.43 -26.11 27.70
CA LEU A 399 2.01 -26.03 29.03
C LEU A 399 1.05 -26.53 30.09
N CYS A 400 -0.26 -26.38 29.84
CA CYS A 400 -1.29 -26.94 30.72
C CYS A 400 -1.58 -28.41 30.43
N SER A 401 -0.66 -29.10 29.75
CA SER A 401 -0.80 -30.52 29.40
C SER A 401 -2.08 -30.79 28.62
N GLU A 402 -2.53 -29.81 27.84
CA GLU A 402 -3.71 -29.92 26.99
C GLU A 402 -4.95 -30.28 27.80
N SER A 403 -5.02 -29.80 29.05
CA SER A 403 -6.21 -29.93 29.88
C SER A 403 -7.01 -28.64 29.78
N VAL A 404 -8.19 -28.74 29.15
CA VAL A 404 -9.04 -27.55 29.01
C VAL A 404 -9.39 -26.93 30.35
N PRO A 405 -9.74 -27.68 31.40
CA PRO A 405 -9.99 -27.03 32.70
C PRO A 405 -8.80 -26.22 33.22
N ARG A 406 -7.60 -26.82 33.20
CA ARG A 406 -6.41 -26.09 33.65
C ARG A 406 -6.13 -24.89 32.75
N PHE A 407 -6.28 -25.08 31.44
CA PHE A 407 -6.12 -23.99 30.48
C PHE A 407 -7.04 -22.82 30.81
N ILE A 408 -8.30 -23.10 31.14
CA ILE A 408 -9.25 -22.04 31.46
C ILE A 408 -8.85 -21.34 32.76
N LYS A 409 -8.39 -22.12 33.75
CA LYS A 409 -8.03 -21.53 35.04
C LYS A 409 -6.85 -20.55 34.90
N TYR A 410 -5.85 -20.93 34.12
CA TYR A 410 -4.63 -20.13 34.02
C TYR A 410 -4.77 -18.93 33.08
N THR A 411 -5.73 -18.95 32.16
CA THR A 411 -5.85 -17.90 31.16
C THR A 411 -7.19 -17.17 31.17
N GLY A 412 -8.20 -17.68 31.85
CA GLY A 412 -9.51 -17.06 31.82
C GLY A 412 -10.31 -17.48 30.60
N TYR A 413 -11.61 -17.72 30.78
CA TYR A 413 -12.39 -18.34 29.71
C TYR A 413 -12.49 -17.46 28.46
N GLY A 414 -12.55 -16.14 28.65
CA GLY A 414 -12.65 -15.25 27.50
C GLY A 414 -11.46 -15.36 26.55
N ASN A 415 -10.29 -15.66 27.09
CA ASN A 415 -9.10 -15.87 26.27
C ASN A 415 -8.97 -17.32 25.82
N ALA A 416 -9.30 -18.27 26.69
CA ALA A 416 -9.20 -19.68 26.34
C ALA A 416 -10.19 -20.09 25.27
N ALA A 417 -11.28 -19.33 25.08
CA ALA A 417 -12.30 -19.71 24.10
C ALA A 417 -11.77 -19.70 22.68
N GLY A 418 -10.67 -19.00 22.41
CA GLY A 418 -10.05 -19.00 21.09
C GLY A 418 -9.43 -20.30 20.66
N LEU A 419 -9.38 -21.31 21.53
CA LEU A 419 -8.94 -22.64 21.15
C LEU A 419 -10.08 -23.65 21.05
N LEU A 420 -11.16 -23.42 21.79
CA LEU A 420 -12.37 -24.21 21.67
C LEU A 420 -13.24 -23.65 20.55
N ALA A 421 -14.27 -24.42 20.17
CA ALA A 421 -15.19 -23.94 19.16
C ALA A 421 -16.02 -22.75 19.62
N ALA A 422 -15.94 -22.39 20.91
CA ALA A 422 -16.61 -21.21 21.45
C ALA A 422 -16.16 -19.91 20.81
N ARG A 423 -15.24 -19.97 19.85
CA ARG A 423 -15.00 -18.86 18.93
C ARG A 423 -16.31 -18.45 18.25
N GLY A 424 -16.61 -17.16 18.28
CA GLY A 424 -17.80 -16.64 17.62
C GLY A 424 -18.92 -16.27 18.58
N LEU A 425 -18.92 -16.82 19.78
CA LEU A 425 -19.68 -16.25 20.87
C LEU A 425 -19.13 -14.92 21.34
N MET A 426 -17.93 -14.51 20.88
CA MET A 426 -17.28 -13.30 21.40
C MET A 426 -16.79 -12.38 20.29
N GLY B 1 -34.91 39.47 -27.27
CA GLY B 1 -33.84 39.30 -28.23
C GLY B 1 -32.56 38.79 -27.61
N MET B 2 -31.53 39.64 -27.59
CA MET B 2 -30.22 39.28 -27.07
C MET B 2 -30.03 39.73 -25.62
N GLU B 3 -30.11 41.03 -25.38
CA GLU B 3 -29.94 41.55 -24.03
C GLU B 3 -31.00 40.95 -23.11
N PRO B 4 -30.62 40.51 -21.91
CA PRO B 4 -31.64 40.00 -20.96
C PRO B 4 -32.74 41.00 -20.67
N ARG B 5 -32.43 42.30 -20.71
CA ARG B 5 -33.48 43.32 -20.56
C ARG B 5 -34.55 43.16 -21.63
N ALA B 6 -34.12 42.99 -22.89
CA ALA B 6 -35.08 42.75 -23.97
C ALA B 6 -35.73 41.38 -23.84
N VAL B 7 -35.04 40.41 -23.23
CA VAL B 7 -35.67 39.11 -22.99
C VAL B 7 -36.80 39.25 -21.97
N ALA B 8 -36.54 39.99 -20.89
CA ALA B 8 -37.59 40.25 -19.90
C ALA B 8 -38.76 41.00 -20.51
N ASP B 9 -38.48 41.97 -21.39
CA ASP B 9 -39.55 42.69 -22.08
C ASP B 9 -40.43 41.73 -22.88
N ALA B 10 -39.80 40.86 -23.67
CA ALA B 10 -40.57 39.93 -24.50
C ALA B 10 -41.41 38.99 -23.64
N LEU B 11 -40.85 38.55 -22.50
CA LEU B 11 -41.61 37.72 -21.57
C LEU B 11 -42.85 38.45 -21.05
N GLU B 12 -42.76 39.76 -20.88
CA GLU B 12 -43.89 40.54 -20.36
C GLU B 12 -44.86 40.95 -21.46
N THR B 13 -44.36 41.29 -22.65
CA THR B 13 -45.27 41.70 -23.71
C THR B 13 -46.23 40.55 -24.07
N GLY B 14 -45.69 39.34 -24.26
CA GLY B 14 -46.56 38.19 -24.33
C GLY B 14 -46.38 37.23 -25.48
N GLU B 15 -46.12 37.75 -26.70
CA GLU B 15 -46.11 36.94 -27.91
C GLU B 15 -45.25 35.70 -27.74
N GLU B 16 -45.87 34.53 -27.93
CA GLU B 16 -45.22 33.26 -27.57
C GLU B 16 -44.00 33.00 -28.43
N ASP B 17 -44.12 33.15 -29.74
CA ASP B 17 -42.97 32.92 -30.63
C ASP B 17 -41.86 33.93 -30.35
N ALA B 18 -42.22 35.17 -30.02
CA ALA B 18 -41.22 36.14 -29.63
C ALA B 18 -40.56 35.78 -28.31
N VAL B 19 -41.31 35.18 -27.39
CA VAL B 19 -40.73 34.74 -26.12
C VAL B 19 -39.72 33.62 -26.36
N THR B 20 -40.13 32.59 -27.11
CA THR B 20 -39.22 31.48 -27.39
C THR B 20 -37.95 31.98 -28.08
N GLU B 21 -38.11 32.86 -29.06
CA GLU B 21 -36.95 33.36 -29.80
C GLU B 21 -36.00 34.12 -28.89
N ALA B 22 -36.54 34.92 -27.96
CA ALA B 22 -35.70 35.67 -27.05
C ALA B 22 -34.95 34.75 -26.09
N LEU B 23 -35.62 33.72 -25.58
CA LEU B 23 -34.95 32.77 -24.69
C LEU B 23 -33.85 32.02 -25.43
N ARG B 24 -34.15 31.53 -26.63
CA ARG B 24 -33.14 30.83 -27.43
C ARG B 24 -31.95 31.72 -27.72
N SER B 25 -32.19 32.99 -28.02
CA SER B 25 -31.07 33.90 -28.28
C SER B 25 -30.27 34.15 -27.01
N PHE B 26 -30.96 34.34 -25.88
CA PHE B 26 -30.26 34.47 -24.61
C PHE B 26 -29.44 33.23 -24.30
N ASN B 27 -30.01 32.04 -24.54
CA ASN B 27 -29.35 30.79 -24.17
C ASN B 27 -28.08 30.57 -24.99
N ARG B 28 -28.11 30.88 -26.29
CA ARG B 28 -26.95 30.66 -27.12
C ARG B 28 -25.78 31.53 -26.68
N GLU B 29 -26.05 32.79 -26.32
CA GLU B 29 -24.97 33.66 -25.88
C GLU B 29 -24.37 33.20 -24.56
N HIS B 30 -25.21 32.74 -23.63
CA HIS B 30 -24.78 32.47 -22.27
C HIS B 30 -24.70 31.00 -21.94
N SER B 31 -24.77 30.11 -22.94
CA SER B 31 -24.69 28.68 -22.67
C SER B 31 -23.37 28.32 -22.00
N GLN B 32 -22.26 28.88 -22.48
CA GLN B 32 -20.95 28.67 -21.88
C GLN B 32 -20.55 29.77 -20.92
N SER B 33 -21.42 30.75 -20.69
CA SER B 33 -21.09 31.88 -19.82
C SER B 33 -21.27 31.45 -18.37
N PHE B 34 -20.16 31.03 -17.73
CA PHE B 34 -20.19 30.83 -16.29
C PHE B 34 -19.96 32.14 -15.55
N THR B 35 -19.27 33.08 -16.18
CA THR B 35 -19.19 34.46 -15.71
C THR B 35 -20.16 35.31 -16.53
N PHE B 36 -20.61 36.41 -15.94
CA PHE B 36 -21.68 37.19 -16.54
C PHE B 36 -21.31 38.66 -16.61
N ASP B 37 -21.99 39.37 -17.51
CA ASP B 37 -21.89 40.81 -17.56
C ASP B 37 -22.47 41.41 -16.28
N ASP B 38 -21.63 42.09 -15.49
CA ASP B 38 -22.13 42.81 -14.32
C ASP B 38 -23.17 43.85 -14.71
N ALA B 39 -23.02 44.49 -15.87
CA ALA B 39 -23.95 45.53 -16.29
C ALA B 39 -25.31 44.98 -16.72
N GLN B 40 -25.53 43.67 -16.66
CA GLN B 40 -26.80 43.07 -17.02
C GLN B 40 -27.43 42.31 -15.86
N GLN B 41 -26.86 42.43 -14.66
CA GLN B 41 -27.36 41.64 -13.54
C GLN B 41 -28.78 42.03 -13.15
N GLU B 42 -29.08 43.32 -13.16
CA GLU B 42 -30.42 43.77 -12.81
C GLU B 42 -31.46 43.17 -13.74
N ASP B 43 -31.12 43.05 -15.03
CA ASP B 43 -32.04 42.45 -15.99
C ASP B 43 -32.13 40.92 -15.79
N ARG B 44 -31.03 40.29 -15.38
CA ARG B 44 -31.08 38.87 -15.07
C ARG B 44 -31.93 38.61 -13.84
N LYS B 45 -31.81 39.47 -12.81
CA LYS B 45 -32.70 39.39 -11.66
C LYS B 45 -34.16 39.46 -12.08
N ARG B 46 -34.49 40.48 -12.88
CA ARG B 46 -35.86 40.65 -13.36
C ARG B 46 -36.31 39.46 -14.20
N LEU B 47 -35.45 38.98 -15.09
CA LEU B 47 -35.80 37.82 -15.90
C LEU B 47 -36.06 36.59 -15.04
N ALA B 48 -35.27 36.40 -13.98
CA ALA B 48 -35.45 35.23 -13.13
C ALA B 48 -36.81 35.25 -12.44
N LYS B 49 -37.24 36.43 -11.97
CA LYS B 49 -38.53 36.52 -11.29
C LYS B 49 -39.69 36.19 -12.23
N LEU B 50 -39.58 36.59 -13.50
CA LEU B 50 -40.61 36.23 -14.47
C LEU B 50 -40.54 34.75 -14.82
N LEU B 51 -39.33 34.16 -14.84
CA LEU B 51 -39.22 32.74 -15.17
C LEU B 51 -39.76 31.87 -14.05
N VAL B 52 -39.45 32.20 -12.80
CA VAL B 52 -39.92 31.38 -11.69
C VAL B 52 -41.44 31.42 -11.58
N SER B 53 -42.07 32.53 -11.98
CA SER B 53 -43.52 32.61 -11.91
C SER B 53 -44.19 31.66 -12.90
N VAL B 54 -43.57 31.47 -14.08
CA VAL B 54 -44.08 30.50 -15.03
C VAL B 54 -43.73 29.08 -14.60
N LEU B 55 -42.52 28.90 -14.06
CA LEU B 55 -42.07 27.57 -13.66
C LEU B 55 -42.95 26.98 -12.57
N GLU B 56 -43.28 27.78 -11.55
CA GLU B 56 -44.11 27.30 -10.45
C GLU B 56 -45.50 26.91 -10.91
N GLN B 57 -45.98 27.50 -12.02
CA GLN B 57 -47.26 27.14 -12.60
C GLN B 57 -47.14 26.02 -13.63
N GLY B 58 -45.94 25.52 -13.88
CA GLY B 58 -45.74 24.47 -14.86
C GLY B 58 -45.33 25.02 -16.22
N LEU B 59 -44.15 24.60 -16.70
CA LEU B 59 -43.70 25.02 -18.02
C LEU B 59 -44.49 24.30 -19.10
N SER B 60 -44.78 25.01 -20.18
CA SER B 60 -45.42 24.38 -21.32
C SER B 60 -44.48 23.31 -21.90
N PRO B 61 -45.04 22.19 -22.38
CA PRO B 61 -44.17 21.12 -22.88
C PRO B 61 -43.46 21.47 -24.18
N LYS B 62 -44.04 22.30 -25.03
CA LYS B 62 -43.32 22.72 -26.22
C LYS B 62 -42.25 23.74 -25.83
N HIS B 63 -41.02 23.50 -26.32
CA HIS B 63 -39.86 24.33 -25.98
C HIS B 63 -39.57 24.32 -24.48
N ARG B 64 -40.02 23.28 -23.78
CA ARG B 64 -39.74 23.16 -22.35
C ARG B 64 -38.24 23.20 -22.08
N VAL B 65 -37.44 22.59 -22.96
CA VAL B 65 -36.00 22.54 -22.74
C VAL B 65 -35.37 23.92 -22.91
N THR B 66 -35.91 24.74 -23.81
CA THR B 66 -35.43 26.11 -23.94
C THR B 66 -35.68 26.90 -22.67
N TRP B 67 -36.90 26.79 -22.12
CA TRP B 67 -37.19 27.45 -20.85
C TRP B 67 -36.28 26.95 -19.74
N LEU B 68 -36.03 25.64 -19.70
CA LEU B 68 -35.18 25.10 -18.65
C LEU B 68 -33.72 25.52 -18.84
N GLN B 69 -33.27 25.67 -20.09
CA GLN B 69 -31.92 26.15 -20.34
C GLN B 69 -31.71 27.56 -19.77
N THR B 70 -32.68 28.45 -19.96
CA THR B 70 -32.56 29.80 -19.40
C THR B 70 -32.49 29.74 -17.88
N ILE B 71 -33.36 28.94 -17.25
CA ILE B 71 -33.32 28.77 -15.80
C ILE B 71 -31.99 28.18 -15.36
N ARG B 72 -31.45 27.24 -16.15
CA ARG B 72 -30.16 26.66 -15.82
C ARG B 72 -29.04 27.68 -15.88
N ILE B 73 -29.06 28.53 -16.91
CA ILE B 73 -28.04 29.56 -17.04
C ILE B 73 -28.13 30.55 -15.88
N LEU B 74 -29.35 30.97 -15.53
CA LEU B 74 -29.52 31.94 -14.45
C LEU B 74 -29.27 31.33 -13.08
N SER B 75 -29.46 30.02 -12.91
CA SER B 75 -29.13 29.41 -11.64
C SER B 75 -27.62 29.39 -11.38
N ARG B 76 -26.80 29.69 -12.39
CA ARG B 76 -25.38 29.88 -12.18
C ARG B 76 -25.06 31.26 -11.63
N ASP B 77 -25.98 32.21 -11.74
CA ASP B 77 -25.79 33.57 -11.25
C ASP B 77 -26.28 33.65 -9.81
N ARG B 78 -25.35 33.83 -8.88
CA ARG B 78 -25.72 33.92 -7.47
C ARG B 78 -26.53 35.18 -7.16
N SER B 79 -26.49 36.19 -8.03
CA SER B 79 -27.26 37.40 -7.82
C SER B 79 -28.77 37.17 -7.96
N CYS B 80 -29.17 36.08 -8.62
CA CYS B 80 -30.59 35.84 -8.84
C CYS B 80 -31.00 34.38 -8.73
N LEU B 81 -30.10 33.48 -8.31
CA LEU B 81 -30.48 32.07 -8.24
C LEU B 81 -31.45 31.81 -7.10
N ASP B 82 -31.38 32.60 -6.03
CA ASP B 82 -32.27 32.38 -4.90
C ASP B 82 -33.73 32.66 -5.24
N SER B 83 -33.99 33.37 -6.34
CA SER B 83 -35.37 33.49 -6.82
C SER B 83 -35.97 32.13 -7.14
N PHE B 84 -35.15 31.15 -7.51
CA PHE B 84 -35.64 29.80 -7.78
C PHE B 84 -35.61 28.91 -6.55
N ALA B 85 -35.08 29.38 -5.43
CA ALA B 85 -35.02 28.59 -4.20
C ALA B 85 -36.31 28.71 -3.41
N SER B 86 -37.40 28.29 -4.04
CA SER B 86 -38.72 28.26 -3.43
C SER B 86 -39.28 26.84 -3.53
N ARG B 87 -40.25 26.54 -2.67
CA ARG B 87 -40.74 25.17 -2.55
C ARG B 87 -41.42 24.71 -3.84
N GLN B 88 -42.26 25.54 -4.43
CA GLN B 88 -42.94 25.14 -5.66
C GLN B 88 -42.01 25.22 -6.87
N SER B 89 -40.98 26.04 -6.82
CA SER B 89 -39.99 26.06 -7.89
C SER B 89 -39.15 24.79 -7.88
N LEU B 90 -38.62 24.44 -6.70
CA LEU B 90 -37.82 23.22 -6.59
C LEU B 90 -38.65 21.98 -6.86
N HIS B 91 -39.95 22.02 -6.54
CA HIS B 91 -40.80 20.87 -6.84
C HIS B 91 -41.00 20.72 -8.34
N ALA B 92 -41.16 21.82 -9.06
CA ALA B 92 -41.33 21.75 -10.51
C ALA B 92 -40.07 21.22 -11.17
N LEU B 93 -38.89 21.68 -10.74
CA LEU B 93 -37.64 21.19 -11.30
C LEU B 93 -37.45 19.71 -10.98
N ALA B 94 -37.80 19.30 -9.76
CA ALA B 94 -37.71 17.89 -9.40
C ALA B 94 -38.66 17.03 -10.23
N CYS B 95 -39.83 17.58 -10.60
CA CYS B 95 -40.75 16.86 -11.48
C CYS B 95 -40.14 16.67 -12.87
N TYR B 96 -39.52 17.72 -13.40
CA TYR B 96 -38.88 17.62 -14.71
C TYR B 96 -37.59 16.82 -14.67
N ALA B 97 -36.93 16.74 -13.51
CA ALA B 97 -35.81 15.83 -13.32
C ALA B 97 -36.27 14.42 -12.93
N ASP B 98 -37.59 14.23 -12.75
CA ASP B 98 -38.18 12.92 -12.51
C ASP B 98 -37.66 12.30 -11.20
N ILE B 99 -37.54 13.11 -10.16
CA ILE B 99 -37.11 12.60 -8.86
C ILE B 99 -38.04 13.10 -7.76
N ALA B 100 -39.15 13.70 -8.15
CA ALA B 100 -40.13 14.17 -7.18
C ALA B 100 -41.05 13.03 -6.77
N ILE B 101 -41.41 13.00 -5.49
CA ILE B 101 -42.41 12.04 -5.01
C ILE B 101 -43.79 12.56 -5.38
N SER B 102 -44.58 11.71 -6.03
CA SER B 102 -45.84 12.15 -6.62
C SER B 102 -47.01 11.32 -6.09
N GLU B 103 -48.18 11.97 -6.08
CA GLU B 103 -49.43 11.29 -5.76
C GLU B 103 -49.82 10.31 -6.86
N GLU B 104 -49.87 10.79 -8.10
CA GLU B 104 -50.09 10.01 -9.31
C GLU B 104 -48.82 10.04 -10.17
N PRO B 105 -48.43 8.90 -10.74
CA PRO B 105 -47.24 8.90 -11.60
C PRO B 105 -47.37 9.89 -12.74
N ILE B 106 -46.31 10.64 -12.99
CA ILE B 106 -46.33 11.62 -14.08
C ILE B 106 -46.62 10.89 -15.39
N PRO B 107 -47.37 11.49 -16.32
CA PRO B 107 -47.86 10.72 -17.47
C PRO B 107 -46.79 10.39 -18.50
N GLN B 108 -45.83 11.28 -18.68
CA GLN B 108 -44.78 11.11 -19.69
C GLN B 108 -43.42 11.39 -19.07
N PRO B 109 -42.56 10.39 -18.95
CA PRO B 109 -41.21 10.62 -18.44
C PRO B 109 -40.49 11.63 -19.34
N PRO B 110 -39.72 12.54 -18.74
CA PRO B 110 -39.21 13.68 -19.50
C PRO B 110 -38.20 13.26 -20.55
N ASP B 111 -38.02 14.13 -21.54
CA ASP B 111 -36.92 14.02 -22.49
C ASP B 111 -35.60 13.96 -21.73
N MET B 112 -34.61 13.31 -22.35
CA MET B 112 -33.26 13.31 -21.78
C MET B 112 -32.72 14.74 -21.67
N ASP B 113 -33.05 15.59 -22.64
CA ASP B 113 -32.62 16.99 -22.58
C ASP B 113 -33.33 17.74 -21.46
N VAL B 114 -34.64 17.56 -21.33
CA VAL B 114 -35.37 18.11 -20.19
C VAL B 114 -34.79 17.59 -18.89
N LEU B 115 -34.51 16.29 -18.83
CA LEU B 115 -33.94 15.69 -17.62
C LEU B 115 -32.61 16.33 -17.26
N LEU B 116 -31.72 16.48 -18.24
CA LEU B 116 -30.38 17.00 -17.99
C LEU B 116 -30.43 18.44 -17.48
N GLU B 117 -31.13 19.33 -18.19
CA GLU B 117 -31.17 20.73 -17.78
C GLU B 117 -31.79 20.89 -16.40
N SER B 118 -32.86 20.14 -16.12
CA SER B 118 -33.47 20.20 -14.79
C SER B 118 -32.50 19.73 -13.72
N LEU B 119 -31.74 18.67 -13.99
CA LEU B 119 -30.74 18.19 -13.03
C LEU B 119 -29.63 19.22 -12.83
N LYS B 120 -29.22 19.87 -13.91
CA LYS B 120 -28.22 20.94 -13.79
C LYS B 120 -28.74 22.09 -12.94
N CYS B 121 -30.00 22.48 -13.15
CA CYS B 121 -30.63 23.50 -12.31
C CYS B 121 -30.56 23.10 -10.84
N LEU B 122 -30.92 21.85 -10.54
CA LEU B 122 -30.95 21.41 -9.15
C LEU B 122 -29.57 21.44 -8.52
N CYS B 123 -28.54 21.08 -9.29
CA CYS B 123 -27.18 21.08 -8.74
C CYS B 123 -26.72 22.49 -8.40
N ASN B 124 -26.96 23.44 -9.31
CA ASN B 124 -26.57 24.82 -9.04
C ASN B 124 -27.29 25.36 -7.81
N LEU B 125 -28.58 25.06 -7.67
CA LEU B 125 -29.34 25.58 -6.53
C LEU B 125 -28.87 24.95 -5.22
N VAL B 126 -28.65 23.64 -5.20
CA VAL B 126 -28.23 22.97 -3.96
C VAL B 126 -26.82 23.38 -3.57
N LEU B 127 -25.95 23.62 -4.56
CA LEU B 127 -24.59 24.03 -4.25
C LEU B 127 -24.55 25.37 -3.53
N SER B 128 -25.34 26.34 -4.00
CA SER B 128 -25.15 27.73 -3.57
C SER B 128 -26.22 28.26 -2.62
N SER B 129 -27.37 27.60 -2.51
CA SER B 129 -28.48 28.15 -1.74
C SER B 129 -28.78 27.30 -0.51
N PRO B 130 -28.52 27.80 0.71
CA PRO B 130 -28.93 27.05 1.90
C PRO B 130 -30.42 26.79 1.97
N THR B 131 -31.25 27.69 1.45
CA THR B 131 -32.68 27.43 1.40
C THR B 131 -33.00 26.27 0.47
N ALA B 132 -32.36 26.23 -0.70
CA ALA B 132 -32.60 25.11 -1.62
C ALA B 132 -32.09 23.79 -1.04
N GLN B 133 -30.98 23.83 -0.30
CA GLN B 133 -30.50 22.63 0.37
C GLN B 133 -31.54 22.09 1.34
N MET B 134 -32.08 22.97 2.19
CA MET B 134 -33.11 22.56 3.13
C MET B 134 -34.35 22.04 2.41
N LEU B 135 -34.81 22.75 1.37
CA LEU B 135 -36.02 22.35 0.67
C LEU B 135 -35.84 21.03 -0.08
N ALA B 136 -34.61 20.74 -0.55
CA ALA B 136 -34.39 19.47 -1.24
C ALA B 136 -34.35 18.30 -0.26
N ALA B 137 -33.87 18.53 0.97
CA ALA B 137 -33.91 17.49 1.99
C ALA B 137 -35.36 17.17 2.37
N GLU B 138 -36.19 18.20 2.56
CA GLU B 138 -37.58 17.99 2.93
C GLU B 138 -38.36 17.27 1.83
N ALA B 139 -38.06 17.61 0.58
CA ALA B 139 -38.78 16.99 -0.53
C ALA B 139 -38.34 15.54 -0.77
N ARG B 140 -37.30 15.08 -0.08
CA ARG B 140 -36.84 13.69 -0.17
C ARG B 140 -36.46 13.32 -1.60
N LEU B 141 -35.85 14.27 -2.31
CA LEU B 141 -35.37 14.01 -3.67
C LEU B 141 -34.36 12.88 -3.72
N VAL B 142 -33.71 12.56 -2.59
CA VAL B 142 -32.70 11.51 -2.56
C VAL B 142 -33.31 10.14 -2.87
N VAL B 143 -34.60 9.98 -2.61
CA VAL B 143 -35.23 8.65 -2.76
C VAL B 143 -35.21 8.23 -4.23
N ARG B 144 -35.88 8.98 -5.10
CA ARG B 144 -35.94 8.59 -6.50
C ARG B 144 -34.62 8.85 -7.21
N LEU B 145 -33.78 9.74 -6.67
CA LEU B 145 -32.42 9.86 -7.16
C LEU B 145 -31.65 8.55 -6.99
N ALA B 146 -31.64 8.01 -5.77
CA ALA B 146 -31.02 6.71 -5.54
C ALA B 146 -31.67 5.63 -6.39
N GLU B 147 -32.99 5.71 -6.56
CA GLU B 147 -33.70 4.71 -7.37
C GLU B 147 -33.24 4.73 -8.82
N ARG B 148 -33.03 5.91 -9.40
CA ARG B 148 -32.58 5.95 -10.79
C ARG B 148 -31.15 5.45 -10.93
N VAL B 149 -30.28 5.79 -9.98
CA VAL B 149 -28.90 5.28 -10.02
C VAL B 149 -28.90 3.75 -10.05
N GLY B 150 -29.76 3.13 -9.25
CA GLY B 150 -29.87 1.68 -9.21
C GLY B 150 -30.35 1.02 -10.48
N LEU B 151 -30.77 1.80 -11.47
CA LEU B 151 -31.26 1.28 -12.74
C LEU B 151 -30.30 1.51 -13.89
N TYR B 152 -29.10 2.04 -13.62
CA TYR B 152 -28.16 2.33 -14.70
C TYR B 152 -27.77 1.07 -15.47
N ARG B 153 -27.72 -0.07 -14.78
CA ARG B 153 -27.40 -1.32 -15.47
C ARG B 153 -28.54 -1.73 -16.40
N LYS B 154 -29.78 -1.52 -15.98
CA LYS B 154 -30.93 -1.94 -16.76
C LYS B 154 -31.26 -0.96 -17.88
N ARG B 155 -30.95 0.31 -17.72
CA ARG B 155 -31.34 1.34 -18.67
C ARG B 155 -30.11 1.89 -19.39
N SER B 156 -30.35 2.84 -20.29
CA SER B 156 -29.31 3.45 -21.11
C SER B 156 -29.45 4.97 -21.00
N TYR B 157 -29.13 5.51 -19.84
CA TYR B 157 -29.16 6.95 -19.71
C TYR B 157 -27.88 7.56 -20.29
N PRO B 158 -27.98 8.73 -20.91
CA PRO B 158 -26.76 9.36 -21.44
C PRO B 158 -25.78 9.67 -20.33
N HIS B 159 -24.50 9.70 -20.67
CA HIS B 159 -23.46 9.98 -19.69
C HIS B 159 -23.77 11.24 -18.88
N GLU B 160 -24.20 12.30 -19.56
CA GLU B 160 -24.42 13.57 -18.88
C GLU B 160 -25.52 13.47 -17.83
N VAL B 161 -26.56 12.69 -18.09
CA VAL B 161 -27.64 12.52 -17.11
C VAL B 161 -27.13 11.75 -15.90
N GLN B 162 -26.33 10.71 -16.12
CA GLN B 162 -25.77 9.96 -15.01
C GLN B 162 -24.85 10.83 -14.15
N PHE B 163 -24.02 11.64 -14.80
CA PHE B 163 -23.06 12.46 -14.06
C PHE B 163 -23.76 13.42 -13.11
N PHE B 164 -24.77 14.13 -13.60
CA PHE B 164 -25.44 15.12 -12.74
C PHE B 164 -26.39 14.49 -11.74
N ASP B 165 -26.95 13.31 -12.03
CA ASP B 165 -27.57 12.52 -10.97
C ASP B 165 -26.60 12.30 -9.82
N LEU B 166 -25.39 11.85 -10.15
CA LEU B 166 -24.41 11.56 -9.11
C LEU B 166 -23.89 12.84 -8.45
N ARG B 167 -23.70 13.89 -9.25
CA ARG B 167 -23.25 15.17 -8.69
C ARG B 167 -24.30 15.74 -7.74
N LEU B 168 -25.59 15.58 -8.06
CA LEU B 168 -26.64 15.98 -7.13
C LEU B 168 -26.60 15.14 -5.87
N LEU B 169 -26.41 13.82 -6.00
CA LEU B 169 -26.25 12.97 -4.83
C LEU B 169 -25.05 13.42 -3.99
N PHE B 170 -23.93 13.73 -4.66
CA PHE B 170 -22.77 14.23 -3.92
C PHE B 170 -23.09 15.52 -3.19
N LEU B 171 -23.76 16.45 -3.86
CA LEU B 171 -24.04 17.74 -3.24
C LEU B 171 -24.99 17.61 -2.06
N LEU B 172 -26.03 16.78 -2.20
CA LEU B 172 -26.99 16.60 -1.12
C LEU B 172 -26.33 15.95 0.09
N THR B 173 -25.54 14.90 -0.11
CA THR B 173 -24.90 14.22 1.01
C THR B 173 -23.74 15.01 1.59
N ALA B 174 -23.14 15.90 0.82
CA ALA B 174 -22.03 16.69 1.34
C ALA B 174 -22.51 17.87 2.19
N LEU B 175 -23.72 18.38 1.91
CA LEU B 175 -24.23 19.58 2.57
C LEU B 175 -25.37 19.33 3.55
N ARG B 176 -26.05 18.19 3.45
CA ARG B 176 -27.18 17.87 4.32
C ARG B 176 -26.84 16.61 5.11
N THR B 177 -26.63 16.76 6.42
CA THR B 177 -26.36 15.61 7.28
C THR B 177 -27.53 14.63 7.27
N ASP B 178 -28.76 15.15 7.22
CA ASP B 178 -29.93 14.27 7.22
C ASP B 178 -29.97 13.41 5.96
N VAL B 179 -29.79 14.02 4.80
CA VAL B 179 -29.82 13.27 3.54
C VAL B 179 -28.67 12.28 3.49
N ARG B 180 -27.49 12.69 3.97
CA ARG B 180 -26.33 11.81 3.96
C ARG B 180 -26.59 10.54 4.75
N GLN B 181 -27.20 10.66 5.92
CA GLN B 181 -27.51 9.48 6.72
C GLN B 181 -28.74 8.75 6.22
N GLN B 182 -29.62 9.41 5.47
CA GLN B 182 -30.73 8.70 4.83
C GLN B 182 -30.20 7.75 3.76
N LEU B 183 -29.26 8.22 2.93
CA LEU B 183 -28.70 7.37 1.89
C LEU B 183 -27.95 6.18 2.49
N PHE B 184 -27.20 6.42 3.57
CA PHE B 184 -26.43 5.35 4.19
C PHE B 184 -27.33 4.36 4.92
N GLN B 185 -28.18 4.85 5.81
CA GLN B 185 -28.91 3.97 6.71
C GLN B 185 -30.19 3.42 6.11
N GLU B 186 -30.85 4.17 5.22
CA GLU B 186 -32.19 3.82 4.77
C GLU B 186 -32.26 3.37 3.32
N LEU B 187 -31.41 3.89 2.44
CA LEU B 187 -31.54 3.65 1.01
C LEU B 187 -30.44 2.76 0.46
N HIS B 188 -29.79 1.97 1.32
CA HIS B 188 -28.74 1.04 0.90
C HIS B 188 -27.68 1.76 0.05
N GLY B 189 -27.19 2.88 0.57
CA GLY B 189 -26.34 3.75 -0.24
C GLY B 189 -25.02 3.09 -0.63
N VAL B 190 -24.38 2.40 0.31
CA VAL B 190 -23.10 1.75 0.01
C VAL B 190 -23.29 0.69 -1.08
N ARG B 191 -24.29 -0.17 -0.91
CA ARG B 191 -24.52 -1.23 -1.90
C ARG B 191 -24.90 -0.64 -3.24
N LEU B 192 -25.75 0.39 -3.24
CA LEU B 192 -26.17 1.03 -4.49
C LEU B 192 -24.99 1.62 -5.24
N LEU B 193 -24.13 2.37 -4.54
CA LEU B 193 -23.02 3.04 -5.20
C LEU B 193 -21.85 2.11 -5.46
N THR B 194 -21.71 1.02 -4.69
CA THR B 194 -20.71 0.01 -5.03
C THR B 194 -21.06 -0.64 -6.37
N ASP B 195 -22.32 -1.03 -6.55
CA ASP B 195 -22.76 -1.58 -7.83
C ASP B 195 -22.59 -0.56 -8.95
N ALA B 196 -22.89 0.72 -8.68
CA ALA B 196 -22.69 1.76 -9.69
C ALA B 196 -21.22 1.87 -10.07
N LEU B 197 -20.32 1.77 -9.10
CA LEU B 197 -18.89 1.84 -9.39
C LEU B 197 -18.46 0.66 -10.26
N GLU B 198 -18.97 -0.54 -9.96
CA GLU B 198 -18.63 -1.70 -10.78
C GLU B 198 -19.10 -1.52 -12.22
N LEU B 199 -20.32 -1.03 -12.40
CA LEU B 199 -20.81 -0.74 -13.75
C LEU B 199 -19.91 0.25 -14.47
N THR B 200 -19.50 1.32 -13.78
CA THR B 200 -18.67 2.34 -14.41
C THR B 200 -17.28 1.80 -14.76
N LEU B 201 -16.73 0.94 -13.90
CA LEU B 201 -15.43 0.35 -14.21
C LEU B 201 -15.53 -0.59 -15.40
N GLY B 202 -16.71 -1.13 -15.67
CA GLY B 202 -16.86 -2.09 -16.75
C GLY B 202 -16.02 -3.34 -16.54
N VAL B 203 -15.96 -3.83 -15.30
CA VAL B 203 -15.11 -4.96 -14.96
C VAL B 203 -15.79 -5.75 -13.85
N ALA B 204 -15.76 -7.08 -13.98
CA ALA B 204 -16.47 -7.95 -13.06
C ALA B 204 -16.00 -9.40 -13.15
N PRO B 209 -7.67 -8.19 -14.38
CA PRO B 209 -8.67 -7.41 -15.12
C PRO B 209 -8.13 -6.06 -15.57
N LEU B 210 -8.20 -5.79 -16.87
CA LEU B 210 -7.67 -4.56 -17.45
C LEU B 210 -8.81 -3.56 -17.59
N VAL B 211 -8.77 -2.50 -16.79
CA VAL B 211 -9.82 -1.49 -16.75
C VAL B 211 -9.49 -0.41 -17.77
N ILE B 212 -10.33 -0.30 -18.81
CA ILE B 212 -10.28 0.80 -19.76
C ILE B 212 -11.19 1.90 -19.26
N LEU B 213 -10.61 3.05 -18.93
CA LEU B 213 -11.39 4.16 -18.37
C LEU B 213 -11.27 5.41 -19.24
N PRO B 214 -12.24 5.65 -20.14
CA PRO B 214 -12.27 6.94 -20.86
C PRO B 214 -12.63 8.10 -19.95
N ALA B 215 -12.66 9.31 -20.53
CA ALA B 215 -12.89 10.51 -19.72
C ALA B 215 -14.26 10.49 -19.06
N GLN B 216 -15.30 10.10 -19.82
CA GLN B 216 -16.65 10.13 -19.27
C GLN B 216 -16.78 9.16 -18.09
N GLU B 217 -16.27 7.94 -18.25
CA GLU B 217 -16.34 6.95 -17.18
C GLU B 217 -15.54 7.41 -15.95
N THR B 218 -14.37 8.00 -16.17
CA THR B 218 -13.57 8.48 -15.06
C THR B 218 -14.31 9.57 -14.28
N GLU B 219 -14.97 10.48 -14.99
CA GLU B 219 -15.74 11.53 -14.32
C GLU B 219 -16.83 10.92 -13.44
N ARG B 220 -17.61 9.98 -13.98
CA ARG B 220 -18.67 9.36 -13.20
C ARG B 220 -18.11 8.56 -12.05
N ALA B 221 -16.99 7.85 -12.28
CA ALA B 221 -16.38 7.05 -11.22
C ALA B 221 -15.96 7.93 -10.04
N MET B 222 -15.33 9.07 -10.33
CA MET B 222 -14.88 9.96 -9.26
C MET B 222 -16.07 10.49 -8.47
N GLU B 223 -17.15 10.82 -9.16
CA GLU B 223 -18.37 11.26 -8.49
C GLU B 223 -18.90 10.16 -7.56
N ILE B 224 -18.91 8.91 -8.05
CA ILE B 224 -19.35 7.80 -7.21
C ILE B 224 -18.44 7.64 -5.99
N LEU B 225 -17.13 7.77 -6.20
CA LEU B 225 -16.18 7.63 -5.09
C LEU B 225 -16.42 8.71 -4.04
N LYS B 226 -16.73 9.94 -4.48
CA LYS B 226 -16.93 11.04 -3.55
C LYS B 226 -18.22 10.88 -2.75
N VAL B 227 -19.28 10.37 -3.38
CA VAL B 227 -20.50 10.12 -2.62
C VAL B 227 -20.25 9.06 -1.56
N LEU B 228 -19.48 8.02 -1.91
CA LEU B 228 -19.17 6.96 -0.97
C LEU B 228 -18.34 7.48 0.19
N PHE B 229 -17.40 8.37 -0.09
CA PHE B 229 -16.66 9.03 0.99
C PHE B 229 -17.62 9.75 1.93
N ASN B 230 -18.57 10.51 1.37
CA ASN B 230 -19.49 11.29 2.19
C ASN B 230 -20.24 10.41 3.17
N ILE B 231 -20.77 9.28 2.71
CA ILE B 231 -21.67 8.47 3.53
C ILE B 231 -20.94 7.41 4.35
N THR B 232 -19.61 7.28 4.22
CA THR B 232 -18.85 6.34 5.02
C THR B 232 -17.84 6.99 5.97
N PHE B 233 -17.46 8.26 5.74
CA PHE B 233 -16.39 8.85 6.53
C PHE B 233 -16.76 8.99 8.01
N ASP B 234 -18.04 8.96 8.34
CA ASP B 234 -18.50 9.21 9.70
C ASP B 234 -19.11 8.00 10.39
N SER B 235 -19.60 7.01 9.64
CA SER B 235 -20.57 6.07 10.20
C SER B 235 -20.16 4.62 10.03
N VAL B 236 -18.87 4.32 10.07
CA VAL B 236 -18.39 2.94 9.94
C VAL B 236 -17.36 2.65 11.02
N LYS B 237 -16.94 1.39 11.07
CA LYS B 237 -15.99 0.88 12.06
C LYS B 237 -16.49 1.09 13.49
N VAL B 240 -18.98 -4.60 13.15
CA VAL B 240 -19.07 -4.86 11.72
C VAL B 240 -19.79 -6.18 11.47
N ASP B 241 -21.13 -6.15 11.47
CA ASP B 241 -21.90 -7.37 11.25
C ASP B 241 -21.53 -7.97 9.89
N GLU B 242 -21.29 -9.28 9.88
CA GLU B 242 -20.59 -9.94 8.78
C GLU B 242 -21.21 -9.64 7.42
N GLU B 243 -22.53 -9.48 7.37
CA GLU B 243 -23.20 -9.19 6.11
C GLU B 243 -22.77 -7.83 5.53
N ASP B 244 -22.28 -6.92 6.37
CA ASP B 244 -21.73 -5.66 5.88
C ASP B 244 -20.21 -5.70 5.74
N ALA B 245 -19.53 -6.58 6.48
CA ALA B 245 -18.10 -6.77 6.25
C ALA B 245 -17.84 -7.28 4.84
N ALA B 246 -18.72 -8.13 4.33
CA ALA B 246 -18.55 -8.65 2.97
C ALA B 246 -18.86 -7.59 1.93
N LEU B 247 -19.81 -6.68 2.21
CA LEU B 247 -20.06 -5.57 1.30
C LEU B 247 -18.82 -4.69 1.16
N TYR B 248 -18.17 -4.38 2.29
CA TYR B 248 -17.01 -3.49 2.25
C TYR B 248 -15.82 -4.17 1.60
N ARG B 249 -15.63 -5.47 1.82
CA ARG B 249 -14.55 -6.18 1.15
C ARG B 249 -14.79 -6.25 -0.36
N TYR B 250 -16.05 -6.36 -0.78
CA TYR B 250 -16.36 -6.27 -2.20
C TYR B 250 -16.07 -4.89 -2.75
N LEU B 251 -16.45 -3.84 -2.00
CA LEU B 251 -16.09 -2.48 -2.42
C LEU B 251 -14.59 -2.30 -2.46
N GLY B 252 -13.87 -2.84 -1.47
CA GLY B 252 -12.42 -2.75 -1.47
C GLY B 252 -11.79 -3.40 -2.69
N THR B 253 -12.42 -4.46 -3.20
CA THR B 253 -11.92 -5.13 -4.40
C THR B 253 -12.08 -4.24 -5.63
N LEU B 254 -13.20 -3.51 -5.73
CA LEU B 254 -13.35 -2.54 -6.81
C LEU B 254 -12.34 -1.41 -6.66
N LEU B 255 -12.06 -0.99 -5.43
CA LEU B 255 -11.04 0.02 -5.21
C LEU B 255 -9.66 -0.49 -5.58
N ARG B 256 -9.41 -1.80 -5.43
CA ARG B 256 -8.16 -2.37 -5.91
C ARG B 256 -8.05 -2.23 -7.43
N HIS B 257 -9.16 -2.49 -8.14
CA HIS B 257 -9.18 -2.25 -9.58
C HIS B 257 -8.87 -0.80 -9.90
N CYS B 258 -9.45 0.14 -9.14
CA CYS B 258 -9.20 1.55 -9.37
C CYS B 258 -7.73 1.91 -9.16
N VAL B 259 -7.10 1.33 -8.13
CA VAL B 259 -5.70 1.59 -7.85
C VAL B 259 -4.83 1.17 -9.04
N MET B 260 -5.15 0.03 -9.64
CA MET B 260 -4.37 -0.49 -10.77
C MET B 260 -4.80 0.07 -12.11
N ALA B 261 -5.87 0.85 -12.14
CA ALA B 261 -6.41 1.30 -13.41
C ALA B 261 -5.61 2.47 -13.97
N ASP B 262 -5.78 2.70 -15.27
CA ASP B 262 -5.30 3.91 -15.92
C ASP B 262 -6.52 4.78 -16.26
N ALA B 263 -6.60 5.93 -15.63
CA ALA B 263 -7.71 6.83 -15.85
C ALA B 263 -7.38 7.80 -16.99
N ALA B 264 -8.43 8.45 -17.49
CA ALA B 264 -8.29 9.26 -18.69
C ALA B 264 -7.60 10.59 -18.41
N GLY B 265 -6.93 11.11 -19.43
CA GLY B 265 -6.16 12.32 -19.35
C GLY B 265 -5.12 12.20 -18.24
N ASP B 266 -4.73 13.37 -17.72
CA ASP B 266 -3.87 13.41 -16.55
C ASP B 266 -4.69 13.42 -15.25
N ARG B 267 -6.00 13.14 -15.33
CA ARG B 267 -6.88 13.01 -14.17
C ARG B 267 -6.62 11.73 -13.38
N THR B 268 -5.54 11.01 -13.69
CA THR B 268 -5.30 9.73 -13.04
C THR B 268 -4.99 9.91 -11.56
N GLU B 269 -4.22 10.94 -11.20
CA GLU B 269 -3.86 11.13 -9.80
C GLU B 269 -5.06 11.56 -8.97
N GLU B 270 -5.92 12.45 -9.50
CA GLU B 270 -7.15 12.79 -8.80
C GLU B 270 -8.04 11.55 -8.62
N PHE B 271 -8.17 10.75 -9.67
CA PHE B 271 -8.91 9.50 -9.56
C PHE B 271 -8.32 8.60 -8.47
N HIS B 272 -6.98 8.52 -8.41
CA HIS B 272 -6.34 7.72 -7.37
C HIS B 272 -6.48 8.36 -6.00
N GLY B 273 -6.49 9.69 -5.92
CA GLY B 273 -6.68 10.35 -4.64
C GLY B 273 -8.02 10.00 -4.00
N HIS B 274 -9.09 10.02 -4.80
CA HIS B 274 -10.40 9.67 -4.28
C HIS B 274 -10.51 8.19 -3.93
N THR B 275 -9.85 7.32 -4.70
CA THR B 275 -9.83 5.90 -4.37
C THR B 275 -9.19 5.66 -3.01
N VAL B 276 -8.02 6.27 -2.78
CA VAL B 276 -7.32 6.11 -1.52
C VAL B 276 -8.14 6.70 -0.37
N ASN B 277 -8.75 7.87 -0.60
CA ASN B 277 -9.60 8.49 0.42
C ASN B 277 -10.71 7.54 0.87
N LEU B 278 -11.36 6.86 -0.08
CA LEU B 278 -12.39 5.92 0.29
C LEU B 278 -11.80 4.68 0.96
N LEU B 279 -10.64 4.22 0.49
CA LEU B 279 -9.98 3.09 1.14
C LEU B 279 -9.74 3.37 2.61
N GLY B 280 -9.35 4.61 2.94
CA GLY B 280 -9.09 4.97 4.32
C GLY B 280 -10.33 4.96 5.21
N ASN B 281 -11.52 4.92 4.62
CA ASN B 281 -12.75 4.86 5.37
C ASN B 281 -13.21 3.45 5.70
N LEU B 282 -12.66 2.44 5.05
CA LEU B 282 -13.14 1.07 5.23
C LEU B 282 -12.67 0.50 6.56
N PRO B 283 -13.37 -0.52 7.08
CA PRO B 283 -12.80 -1.27 8.21
C PRO B 283 -11.43 -1.80 7.84
N LEU B 284 -10.51 -1.75 8.82
CA LEU B 284 -9.11 -1.98 8.52
C LEU B 284 -8.87 -3.34 7.89
N LYS B 285 -9.60 -4.37 8.34
CA LYS B 285 -9.38 -5.71 7.81
C LYS B 285 -9.73 -5.82 6.34
N CYS B 286 -10.59 -4.94 5.83
CA CYS B 286 -10.96 -4.97 4.42
C CYS B 286 -9.79 -4.64 3.50
N LEU B 287 -8.75 -3.98 4.03
CA LEU B 287 -7.55 -3.73 3.24
C LEU B 287 -6.81 -5.01 2.87
N ASP B 288 -7.24 -6.16 3.39
CA ASP B 288 -6.64 -7.44 3.01
C ASP B 288 -6.69 -7.66 1.51
N VAL B 289 -7.81 -7.31 0.87
CA VAL B 289 -8.01 -7.58 -0.53
C VAL B 289 -6.99 -6.91 -1.43
N LEU B 290 -6.26 -5.91 -0.91
CA LEU B 290 -5.19 -5.28 -1.67
C LEU B 290 -4.04 -6.23 -1.96
N LEU B 291 -3.95 -7.36 -1.25
CA LEU B 291 -2.87 -8.31 -1.44
C LEU B 291 -3.34 -9.66 -1.99
N ALA B 292 -4.58 -9.74 -2.46
CA ALA B 292 -5.18 -11.01 -2.86
C ALA B 292 -5.11 -11.28 -4.35
N LEU B 293 -4.32 -10.50 -5.10
CA LEU B 293 -4.22 -10.70 -6.54
C LEU B 293 -3.41 -11.96 -6.85
N GLU B 294 -3.69 -12.55 -8.01
CA GLU B 294 -2.92 -13.69 -8.47
C GLU B 294 -1.55 -13.25 -8.96
N LEU B 295 -0.57 -14.13 -8.81
CA LEU B 295 0.79 -13.90 -9.29
C LEU B 295 0.91 -14.35 -10.74
N HIS B 296 1.59 -13.53 -11.55
CA HIS B 296 1.98 -13.99 -12.87
C HIS B 296 3.37 -13.43 -13.20
N GLU B 297 3.83 -13.73 -14.42
CA GLU B 297 5.19 -13.40 -14.81
C GLU B 297 5.49 -11.91 -14.70
N GLY B 298 4.50 -11.05 -14.92
CA GLY B 298 4.70 -9.62 -14.85
C GLY B 298 4.42 -8.99 -13.51
N SER B 299 3.89 -9.73 -12.55
CA SER B 299 3.59 -9.18 -11.23
C SER B 299 4.88 -8.85 -10.49
N LEU B 300 4.77 -7.87 -9.58
CA LEU B 300 5.84 -7.61 -8.62
C LEU B 300 5.56 -8.49 -7.40
N GLU B 301 6.20 -9.64 -7.34
CA GLU B 301 6.03 -10.57 -6.24
C GLU B 301 7.00 -10.25 -5.12
N PHE B 302 6.54 -10.42 -3.88
CA PHE B 302 7.42 -10.41 -2.72
C PHE B 302 6.95 -11.53 -1.79
N MET B 303 7.79 -12.55 -1.62
CA MET B 303 7.52 -13.68 -0.73
C MET B 303 6.20 -14.38 -1.06
N GLY B 304 5.95 -14.58 -2.35
CA GLY B 304 4.73 -15.24 -2.78
C GLY B 304 3.47 -14.42 -2.71
N VAL B 305 3.57 -13.11 -2.47
CA VAL B 305 2.40 -12.23 -2.43
C VAL B 305 2.55 -11.16 -3.49
N ASN B 306 1.47 -10.89 -4.22
CA ASN B 306 1.47 -9.87 -5.25
C ASN B 306 1.53 -8.49 -4.61
N MET B 307 2.57 -7.73 -4.93
CA MET B 307 2.77 -6.39 -4.40
C MET B 307 2.39 -5.29 -5.39
N ASP B 308 1.67 -5.64 -6.47
CA ASP B 308 1.32 -4.64 -7.49
C ASP B 308 0.53 -3.49 -6.90
N VAL B 309 -0.43 -3.78 -6.02
CA VAL B 309 -1.29 -2.74 -5.45
C VAL B 309 -0.50 -1.89 -4.45
N ILE B 310 0.26 -2.55 -3.57
CA ILE B 310 1.11 -1.81 -2.63
C ILE B 310 2.09 -0.94 -3.38
N ASN B 311 2.73 -1.50 -4.41
CA ASN B 311 3.70 -0.74 -5.19
C ASN B 311 3.05 0.46 -5.86
N ALA B 312 1.82 0.30 -6.37
CA ALA B 312 1.13 1.42 -6.99
C ALA B 312 0.77 2.49 -5.96
N LEU B 313 0.34 2.08 -4.77
CA LEU B 313 0.07 3.05 -3.72
C LEU B 313 1.34 3.79 -3.30
N LEU B 314 2.49 3.12 -3.34
CA LEU B 314 3.74 3.81 -3.05
C LEU B 314 4.06 4.81 -4.15
N ALA B 315 3.81 4.46 -5.40
CA ALA B 315 4.08 5.38 -6.51
C ALA B 315 3.19 6.60 -6.44
N PHE B 316 1.91 6.41 -6.10
CA PHE B 316 1.02 7.55 -5.89
C PHE B 316 1.54 8.45 -4.76
N LEU B 317 2.09 7.84 -3.71
CA LEU B 317 2.64 8.62 -2.60
C LEU B 317 3.81 9.47 -3.06
N GLU B 318 4.74 8.88 -3.81
CA GLU B 318 5.90 9.63 -4.28
C GLU B 318 5.50 10.68 -5.32
N LYS B 319 4.52 10.36 -6.17
CA LYS B 319 4.00 11.34 -7.10
C LYS B 319 3.39 12.53 -6.35
N ARG B 320 2.65 12.25 -5.28
CA ARG B 320 2.03 13.31 -4.49
C ARG B 320 3.07 14.23 -3.86
N LEU B 321 4.25 13.69 -3.53
CA LEU B 321 5.29 14.45 -2.85
C LEU B 321 6.34 15.02 -3.80
N HIS B 322 6.20 14.83 -5.10
CA HIS B 322 7.22 15.24 -6.05
C HIS B 322 6.98 16.69 -6.48
N GLN B 323 7.90 17.57 -6.12
CA GLN B 323 7.87 18.99 -6.52
C GLN B 323 6.51 19.61 -6.23
N THR B 324 6.02 19.38 -5.02
CA THR B 324 4.64 19.71 -4.68
C THR B 324 4.60 20.95 -3.78
N HIS B 325 3.57 21.76 -4.00
CA HIS B 325 3.28 22.90 -3.14
C HIS B 325 1.94 22.75 -2.44
N ARG B 326 1.33 21.57 -2.53
CA ARG B 326 0.05 21.31 -1.88
C ARG B 326 0.23 21.21 -0.36
N LEU B 327 -0.91 21.18 0.33
CA LEU B 327 -0.90 20.83 1.74
C LEU B 327 -0.36 19.41 1.89
N LYS B 328 0.60 19.23 2.80
CA LYS B 328 1.17 17.91 3.03
C LYS B 328 0.16 16.93 3.60
N GLU B 329 -0.97 17.42 4.12
CA GLU B 329 -2.03 16.55 4.60
C GLU B 329 -2.62 15.67 3.51
N CYS B 330 -2.32 15.95 2.24
CA CYS B 330 -2.89 15.19 1.13
C CYS B 330 -2.26 13.81 0.96
N VAL B 331 -1.35 13.40 1.83
CA VAL B 331 -0.77 12.06 1.80
C VAL B 331 -1.05 11.28 3.07
N ALA B 332 -1.69 11.89 4.07
CA ALA B 332 -2.07 11.14 5.26
C ALA B 332 -2.94 9.92 4.94
N PRO B 333 -3.93 10.00 4.04
CA PRO B 333 -4.70 8.77 3.72
C PRO B 333 -3.85 7.65 3.17
N VAL B 334 -3.03 7.91 2.14
CA VAL B 334 -2.25 6.82 1.55
C VAL B 334 -1.20 6.31 2.52
N LEU B 335 -0.62 7.19 3.33
CA LEU B 335 0.31 6.73 4.36
C LEU B 335 -0.42 5.90 5.41
N SER B 336 -1.69 6.22 5.69
CA SER B 336 -2.45 5.45 6.65
C SER B 336 -2.80 4.07 6.12
N VAL B 337 -3.18 3.98 4.84
CA VAL B 337 -3.50 2.68 4.26
C VAL B 337 -2.26 1.81 4.18
N LEU B 338 -1.13 2.39 3.76
CA LEU B 338 0.11 1.62 3.69
C LEU B 338 0.54 1.16 5.08
N THR B 339 0.31 1.99 6.11
CA THR B 339 0.70 1.62 7.46
C THR B 339 -0.12 0.44 7.97
N GLU B 340 -1.43 0.42 7.65
CA GLU B 340 -2.26 -0.70 8.08
C GLU B 340 -1.86 -1.98 7.36
N CYS B 341 -1.64 -1.91 6.05
CA CYS B 341 -1.19 -3.10 5.31
C CYS B 341 0.12 -3.62 5.87
N ALA B 342 1.04 -2.72 6.23
CA ALA B 342 2.32 -3.15 6.81
C ALA B 342 2.13 -3.74 8.20
N ARG B 343 1.08 -3.33 8.92
CA ARG B 343 0.88 -3.79 10.29
C ARG B 343 0.44 -5.24 10.34
N MET B 344 -0.38 -5.68 9.39
CA MET B 344 -1.01 -6.99 9.46
C MET B 344 -0.54 -7.96 8.39
N HIS B 345 0.46 -7.59 7.58
CA HIS B 345 0.95 -8.50 6.55
C HIS B 345 2.46 -8.31 6.42
N ARG B 346 3.21 -9.23 7.03
CA ARG B 346 4.67 -9.16 7.01
C ARG B 346 5.24 -9.03 5.60
N PRO B 347 4.83 -9.79 4.59
CA PRO B 347 5.37 -9.56 3.23
C PRO B 347 5.17 -8.12 2.75
N ALA B 348 4.03 -7.49 3.08
CA ALA B 348 3.86 -6.10 2.69
C ALA B 348 4.80 -5.20 3.48
N ARG B 349 5.01 -5.50 4.76
CA ARG B 349 5.94 -4.73 5.58
C ARG B 349 7.35 -4.82 5.03
N LYS B 350 7.82 -6.03 4.73
CA LYS B 350 9.20 -6.18 4.28
C LYS B 350 9.39 -5.61 2.88
N PHE B 351 8.40 -5.75 2.00
CA PHE B 351 8.48 -5.11 0.69
C PHE B 351 8.62 -3.59 0.84
N LEU B 352 7.75 -2.97 1.65
CA LEU B 352 7.82 -1.53 1.84
C LEU B 352 9.13 -1.11 2.48
N LYS B 353 9.62 -1.88 3.46
CA LYS B 353 10.91 -1.58 4.05
C LYS B 353 12.02 -1.62 3.01
N ALA B 354 11.99 -2.64 2.14
CA ALA B 354 12.99 -2.72 1.08
C ALA B 354 12.88 -1.54 0.11
N GLN B 355 11.67 -1.04 -0.14
CA GLN B 355 11.52 0.07 -1.07
C GLN B 355 11.85 1.41 -0.44
N VAL B 356 11.41 1.64 0.80
CA VAL B 356 11.57 2.93 1.44
C VAL B 356 12.90 3.03 2.18
N LEU B 357 13.37 1.94 2.80
CA LEU B 357 14.60 1.94 3.58
C LEU B 357 15.58 0.89 3.06
N PRO B 358 16.11 1.08 1.85
CA PRO B 358 17.20 0.20 1.40
C PRO B 358 18.47 0.53 2.16
N PRO B 359 19.28 -0.49 2.52
CA PRO B 359 20.45 -0.27 3.38
C PRO B 359 21.54 0.54 2.71
N THR B 365 23.36 10.32 8.15
CA THR B 365 23.77 11.70 8.40
C THR B 365 22.75 12.69 7.87
N ARG B 366 22.03 13.34 8.78
CA ARG B 366 20.95 14.27 8.48
C ARG B 366 19.90 13.60 7.60
N PRO B 367 19.06 12.74 8.17
CA PRO B 367 18.09 11.98 7.35
C PRO B 367 16.92 12.82 6.84
N GLU B 368 16.77 14.07 7.26
CA GLU B 368 15.61 14.87 6.89
C GLU B 368 15.87 15.77 5.68
N VAL B 369 17.03 15.62 5.02
CA VAL B 369 17.33 16.42 3.83
C VAL B 369 17.52 15.48 2.65
N GLY B 370 17.15 15.97 1.48
CA GLY B 370 17.12 15.18 0.27
C GLY B 370 15.69 14.83 -0.14
N ASP B 371 15.53 14.46 -1.41
CA ASP B 371 14.21 14.20 -1.98
C ASP B 371 13.97 12.73 -2.28
N LEU B 372 14.80 11.82 -1.77
CA LEU B 372 14.39 10.42 -1.77
C LEU B 372 13.28 10.23 -0.76
N LEU B 373 12.49 9.18 -0.96
CA LEU B 373 11.25 9.00 -0.19
C LEU B 373 11.54 8.94 1.32
N ARG B 374 12.59 8.23 1.72
CA ARG B 374 12.91 8.12 3.14
C ARG B 374 13.14 9.49 3.76
N ASN B 375 13.85 10.38 3.05
CA ASN B 375 14.15 11.69 3.60
C ASN B 375 12.92 12.59 3.59
N LYS B 376 12.08 12.47 2.55
CA LYS B 376 10.83 13.21 2.53
C LYS B 376 9.93 12.81 3.69
N LEU B 377 9.93 11.52 4.05
CA LEU B 377 9.09 11.06 5.15
C LEU B 377 9.58 11.59 6.49
N VAL B 378 10.90 11.55 6.72
CA VAL B 378 11.47 12.13 7.93
C VAL B 378 11.14 13.62 8.00
N ARG B 379 11.07 14.29 6.85
CA ARG B 379 10.73 15.70 6.81
C ARG B 379 9.30 15.96 7.24
N LEU B 380 8.40 15.00 7.00
CA LEU B 380 7.02 15.16 7.45
C LEU B 380 6.90 14.95 8.96
N MET B 381 7.81 14.17 9.55
CA MET B 381 7.80 14.00 11.00
C MET B 381 8.18 15.29 11.70
N THR B 382 9.12 16.04 11.14
CA THR B 382 9.69 17.21 11.82
C THR B 382 9.02 18.50 11.35
N HIS B 383 9.24 18.86 10.09
CA HIS B 383 8.88 20.17 9.56
C HIS B 383 7.39 20.47 9.62
N LEU B 384 6.58 19.50 10.06
CA LEU B 384 5.14 19.72 10.18
C LEU B 384 4.70 19.41 11.61
N ASP B 385 3.89 20.31 12.16
CA ASP B 385 3.10 19.99 13.35
C ASP B 385 1.63 19.78 13.01
N THR B 386 1.33 19.47 11.76
CA THR B 386 0.03 18.92 11.41
C THR B 386 -0.02 17.44 11.78
N ASP B 387 -1.20 16.84 11.64
CA ASP B 387 -1.36 15.45 12.06
C ASP B 387 -0.66 14.46 11.12
N VAL B 388 -0.17 14.91 9.96
CA VAL B 388 0.67 14.07 9.12
C VAL B 388 1.98 13.74 9.83
N LYS B 389 2.35 14.56 10.80
CA LYS B 389 3.53 14.29 11.62
C LYS B 389 3.45 12.89 12.25
N ARG B 390 2.30 12.56 12.81
CA ARG B 390 2.16 11.26 13.46
C ARG B 390 2.02 10.13 12.45
N VAL B 391 1.24 10.34 11.39
CA VAL B 391 1.04 9.30 10.38
C VAL B 391 2.37 8.95 9.71
N ALA B 392 3.20 9.96 9.44
CA ALA B 392 4.51 9.71 8.86
C ALA B 392 5.42 8.98 9.85
N ALA B 393 5.37 9.37 11.13
CA ALA B 393 6.23 8.75 12.12
C ALA B 393 5.88 7.29 12.33
N GLU B 394 4.59 6.97 12.41
CA GLU B 394 4.19 5.58 12.62
C GLU B 394 4.45 4.73 11.39
N PHE B 395 4.34 5.32 10.20
CA PHE B 395 4.66 4.58 8.97
C PHE B 395 6.11 4.10 8.99
N LEU B 396 7.04 5.00 9.29
CA LEU B 396 8.45 4.62 9.36
C LEU B 396 8.71 3.69 10.54
N PHE B 397 7.99 3.89 11.66
CA PHE B 397 8.17 3.02 12.81
C PHE B 397 7.76 1.58 12.50
N VAL B 398 6.61 1.41 11.85
CA VAL B 398 6.16 0.07 11.50
C VAL B 398 7.14 -0.57 10.52
N LEU B 399 7.65 0.21 9.56
CA LEU B 399 8.65 -0.32 8.62
C LEU B 399 9.95 -0.68 9.33
N CYS B 400 10.22 -0.09 10.49
CA CYS B 400 11.36 -0.46 11.30
C CYS B 400 11.03 -1.56 12.31
N SER B 401 9.90 -2.26 12.11
CA SER B 401 9.44 -3.31 13.02
C SER B 401 9.29 -2.79 14.45
N GLU B 402 9.01 -1.50 14.59
CA GLU B 402 8.85 -0.83 15.88
C GLU B 402 10.07 -0.97 16.78
N SER B 403 11.25 -1.22 16.20
CA SER B 403 12.49 -1.18 16.95
C SER B 403 12.91 0.28 17.14
N VAL B 404 12.90 0.74 18.40
CA VAL B 404 13.29 2.13 18.67
C VAL B 404 14.73 2.39 18.26
N PRO B 405 15.70 1.49 18.46
CA PRO B 405 17.01 1.70 17.82
C PRO B 405 16.93 1.87 16.31
N ARG B 406 16.21 0.97 15.62
CA ARG B 406 16.09 1.12 14.18
C ARG B 406 15.42 2.42 13.79
N PHE B 407 14.38 2.83 14.51
CA PHE B 407 13.71 4.08 14.22
C PHE B 407 14.68 5.25 14.23
N ILE B 408 15.49 5.36 15.30
CA ILE B 408 16.36 6.51 15.45
C ILE B 408 17.43 6.54 14.36
N LYS B 409 17.91 5.36 13.92
CA LYS B 409 19.04 5.36 12.99
C LYS B 409 18.60 5.83 11.61
N TYR B 410 17.29 5.74 11.32
CA TYR B 410 16.73 6.32 10.11
C TYR B 410 16.08 7.68 10.35
N THR B 411 15.95 8.12 11.59
CA THR B 411 15.15 9.31 11.87
C THR B 411 15.93 10.39 12.62
N GLY B 412 16.57 10.04 13.74
CA GLY B 412 17.36 11.01 14.49
C GLY B 412 17.21 10.91 16.00
#